data_6L33
#
_entry.id   6L33
#
_cell.length_a   65.652
_cell.length_b   108.703
_cell.length_c   109.230
_cell.angle_alpha   90.000
_cell.angle_beta   90.000
_cell.angle_gamma   90.000
#
_symmetry.space_group_name_H-M   'P 21 21 21'
#
loop_
_entity.id
_entity.type
_entity.pdbx_description
1 polymer 'MexT protein'
2 non-polymer 'SULFATE ION'
3 water water
#
_entity_poly.entity_id   1
_entity_poly.type   'polypeptide(L)'
_entity_poly.pdbx_seq_one_letter_code
;GA(MSE)ATSTAVFRIGLSDDVEFGLLPPLLRRLRAEAPGIVLVVRRANYLL(MSE)PNLLASGEISVGVSYTDELPANA
KRKTVRRSKPKILRADSAPGQLTLDDYCARPHALVSFAGDLSGFVDEELEKFGRKRKVVLAVPQFNGLGTLLAGTDIIAT
VPDYAAQALIAAGGLRAEDPPFETRAFELS(MSE)AWRGAQDNDPAERWLRSRIS(MSE)FIGDPDSL
;
_entity_poly.pdbx_strand_id   A,B,C,D
#
loop_
_chem_comp.id
_chem_comp.type
_chem_comp.name
_chem_comp.formula
SO4 non-polymer 'SULFATE ION' 'O4 S -2'
#
# COMPACT_ATOMS: atom_id res chain seq x y z
N ALA A 4 8.35 -33.68 -0.65
CA ALA A 4 8.99 -33.99 0.62
C ALA A 4 10.44 -33.50 0.63
N THR A 5 11.14 -33.70 -0.48
CA THR A 5 12.51 -33.24 -0.66
C THR A 5 12.59 -31.82 -1.20
N SER A 6 11.47 -31.10 -1.23
CA SER A 6 11.45 -29.79 -1.87
C SER A 6 12.18 -28.75 -1.04
N THR A 7 12.91 -27.87 -1.72
CA THR A 7 13.56 -26.73 -1.10
C THR A 7 13.05 -25.41 -1.67
N ALA A 8 11.86 -25.41 -2.26
CA ALA A 8 11.35 -24.25 -2.96
C ALA A 8 10.89 -23.16 -1.99
N VAL A 9 10.75 -21.96 -2.53
CA VAL A 9 10.28 -20.80 -1.78
C VAL A 9 8.80 -20.61 -2.06
N PHE A 10 7.99 -20.51 -1.01
CA PHE A 10 6.57 -20.21 -1.13
C PHE A 10 6.30 -18.85 -0.49
N ARG A 11 5.40 -18.09 -1.11
CA ARG A 11 5.00 -16.77 -0.63
C ARG A 11 3.50 -16.76 -0.41
N ILE A 12 3.08 -16.58 0.84
CA ILE A 12 1.67 -16.61 1.19
C ILE A 12 1.28 -15.33 1.89
N GLY A 13 0.01 -14.96 1.74
CA GLY A 13 -0.56 -13.80 2.42
C GLY A 13 -1.56 -14.25 3.46
N LEU A 14 -1.48 -13.64 4.64
CA LEU A 14 -2.36 -14.00 5.74
C LEU A 14 -2.84 -12.75 6.47
N SER A 15 -4.12 -12.72 6.80
CA SER A 15 -4.65 -11.68 7.65
C SER A 15 -4.12 -11.86 9.08
N ASP A 16 -4.31 -10.82 9.91
CA ASP A 16 -3.71 -10.84 11.24
C ASP A 16 -4.27 -11.98 12.09
N ASP A 17 -5.58 -12.23 11.98
CA ASP A 17 -6.21 -13.30 12.77
C ASP A 17 -5.68 -14.67 12.35
N VAL A 18 -5.40 -14.86 11.07
CA VAL A 18 -4.92 -16.15 10.60
C VAL A 18 -3.46 -16.35 10.98
N GLU A 19 -2.63 -15.33 10.79
CA GLU A 19 -1.24 -15.41 11.20
C GLU A 19 -1.13 -15.66 12.71
N PHE A 20 -2.04 -15.07 13.49
CA PHE A 20 -2.01 -15.22 14.93
C PHE A 20 -2.38 -16.64 15.36
N GLY A 21 -3.54 -17.12 14.90
CA GLY A 21 -4.09 -18.36 15.43
C GLY A 21 -3.85 -19.62 14.62
N LEU A 22 -3.58 -19.48 13.33
CA LEU A 22 -3.49 -20.65 12.46
C LEU A 22 -2.13 -20.89 11.83
N LEU A 23 -1.30 -19.85 11.70
CA LEU A 23 0.03 -20.06 11.15
C LEU A 23 0.87 -21.06 11.96
N PRO A 24 0.91 -21.02 13.29
CA PRO A 24 1.78 -21.95 14.03
C PRO A 24 1.44 -23.40 13.77
N PRO A 25 0.15 -23.82 13.84
CA PRO A 25 -0.14 -25.21 13.48
C PRO A 25 0.15 -25.52 12.02
N LEU A 26 -0.10 -24.58 11.11
CA LEU A 26 0.19 -24.81 9.69
C LEU A 26 1.68 -25.00 9.46
N LEU A 27 2.50 -24.14 10.08
CA LEU A 27 3.94 -24.22 9.88
C LEU A 27 4.51 -25.52 10.44
N ARG A 28 4.05 -25.93 11.63
CA ARG A 28 4.49 -27.21 12.19
C ARG A 28 4.21 -28.35 11.21
N ARG A 29 3.05 -28.33 10.55
CA ARG A 29 2.71 -29.40 9.63
C ARG A 29 3.48 -29.28 8.32
N LEU A 30 3.70 -28.06 7.84
CA LEU A 30 4.47 -27.88 6.61
C LEU A 30 5.90 -28.34 6.79
N ARG A 31 6.54 -27.97 7.91
CA ARG A 31 7.92 -28.36 8.15
C ARG A 31 8.05 -29.87 8.38
N ALA A 32 7.03 -30.50 8.95
CA ALA A 32 7.09 -31.93 9.19
C ALA A 32 7.11 -32.72 7.89
N GLU A 33 6.35 -32.27 6.89
CA GLU A 33 6.32 -32.98 5.61
C GLU A 33 7.49 -32.60 4.71
N ALA A 34 7.80 -31.31 4.60
CA ALA A 34 8.84 -30.82 3.71
C ALA A 34 9.79 -29.92 4.49
N PRO A 35 10.75 -30.51 5.20
CA PRO A 35 11.59 -29.72 6.13
C PRO A 35 12.53 -28.73 5.43
N GLY A 36 12.69 -28.80 4.12
CA GLY A 36 13.58 -27.90 3.41
C GLY A 36 12.94 -26.71 2.76
N ILE A 37 11.62 -26.53 2.87
CA ILE A 37 10.96 -25.43 2.18
C ILE A 37 11.24 -24.11 2.90
N VAL A 38 11.29 -23.04 2.11
CA VAL A 38 11.42 -21.68 2.61
C VAL A 38 10.06 -21.01 2.48
N LEU A 39 9.59 -20.40 3.56
CA LEU A 39 8.27 -19.80 3.60
C LEU A 39 8.38 -18.29 3.82
N VAL A 40 7.72 -17.52 2.95
CA VAL A 40 7.59 -16.09 3.11
C VAL A 40 6.13 -15.79 3.44
N VAL A 41 5.90 -15.11 4.56
CA VAL A 41 4.55 -14.73 4.99
C VAL A 41 4.43 -13.22 4.84
N ARG A 42 3.43 -12.78 4.10
CA ARG A 42 3.11 -11.37 3.97
C ARG A 42 1.84 -11.06 4.74
N ARG A 43 1.84 -9.95 5.47
CA ARG A 43 0.67 -9.51 6.21
C ARG A 43 -0.25 -8.72 5.30
N ALA A 44 -1.52 -9.11 5.23
CA ALA A 44 -2.48 -8.40 4.40
C ALA A 44 -3.87 -8.65 4.93
N ASN A 45 -4.59 -7.59 5.30
CA ASN A 45 -5.97 -7.71 5.69
C ASN A 45 -6.84 -8.02 4.47
N TYR A 46 -8.14 -8.18 4.71
CA TYR A 46 -9.04 -8.63 3.66
C TYR A 46 -9.13 -7.66 2.48
N LEU A 47 -8.81 -6.39 2.68
CA LEU A 47 -8.82 -5.44 1.58
C LEU A 47 -7.49 -5.35 0.85
N LEU A 48 -6.38 -5.52 1.57
CA LEU A 48 -5.07 -5.42 0.92
C LEU A 48 -4.70 -6.71 0.19
N MSE A 49 -5.14 -7.86 0.71
CA MSE A 49 -4.80 -9.16 0.15
C MSE A 49 -4.86 -9.27 -1.40
O MSE A 49 -3.87 -9.67 -2.01
CB MSE A 49 -5.70 -10.25 0.77
CG MSE A 49 -5.30 -11.67 0.41
SE MSE A 49 -3.69 -12.22 1.36
CE MSE A 49 -4.41 -12.31 3.17
N PRO A 50 -5.99 -8.90 -2.02
CA PRO A 50 -6.09 -9.08 -3.48
C PRO A 50 -5.02 -8.33 -4.26
N ASN A 51 -4.53 -7.21 -3.74
CA ASN A 51 -3.46 -6.49 -4.42
C ASN A 51 -2.17 -7.30 -4.43
N LEU A 52 -1.85 -7.97 -3.32
CA LEU A 52 -0.64 -8.78 -3.29
C LEU A 52 -0.74 -9.97 -4.23
N LEU A 53 -1.94 -10.53 -4.39
CA LEU A 53 -2.14 -11.63 -5.33
C LEU A 53 -1.98 -11.15 -6.77
N ALA A 54 -2.57 -10.00 -7.10
CA ALA A 54 -2.50 -9.50 -8.47
C ALA A 54 -1.09 -9.07 -8.83
N SER A 55 -0.35 -8.52 -7.88
CA SER A 55 1.00 -8.05 -8.12
C SER A 55 2.04 -9.17 -8.11
N GLY A 56 1.65 -10.38 -7.71
CA GLY A 56 2.60 -11.47 -7.63
C GLY A 56 3.41 -11.51 -6.36
N GLU A 57 3.13 -10.65 -5.39
CA GLU A 57 3.86 -10.67 -4.13
C GLU A 57 3.61 -11.96 -3.37
N ILE A 58 2.41 -12.54 -3.52
CA ILE A 58 2.09 -13.85 -2.97
C ILE A 58 1.48 -14.70 -4.08
N SER A 59 1.50 -16.01 -3.87
CA SER A 59 0.87 -16.95 -4.79
C SER A 59 -0.45 -17.48 -4.27
N VAL A 60 -0.73 -17.31 -2.99
CA VAL A 60 -1.98 -17.75 -2.39
C VAL A 60 -2.24 -16.87 -1.17
N GLY A 61 -3.49 -16.50 -0.98
CA GLY A 61 -3.88 -15.68 0.15
C GLY A 61 -5.03 -16.30 0.91
N VAL A 62 -5.05 -16.06 2.21
CA VAL A 62 -6.11 -16.54 3.10
C VAL A 62 -6.66 -15.34 3.85
N SER A 63 -7.94 -15.06 3.65
CA SER A 63 -8.58 -13.91 4.28
C SER A 63 -10.09 -14.07 4.19
N TYR A 64 -10.82 -13.12 4.78
CA TYR A 64 -12.24 -13.02 4.55
C TYR A 64 -12.50 -12.74 3.07
N THR A 65 -13.74 -13.02 2.64
CA THR A 65 -14.08 -12.85 1.24
C THR A 65 -13.93 -11.39 0.82
N ASP A 66 -13.38 -11.19 -0.38
CA ASP A 66 -13.07 -9.85 -0.85
C ASP A 66 -13.16 -9.83 -2.38
N GLU A 67 -12.49 -8.87 -3.00
CA GLU A 67 -12.40 -8.82 -4.44
C GLU A 67 -11.38 -9.81 -4.94
N LEU A 68 -11.72 -10.51 -6.03
CA LEU A 68 -10.81 -11.47 -6.62
C LEU A 68 -10.27 -10.91 -7.91
N PRO A 69 -8.96 -10.79 -8.07
CA PRO A 69 -8.40 -10.29 -9.33
C PRO A 69 -8.80 -11.16 -10.50
N ALA A 70 -8.62 -10.62 -11.71
CA ALA A 70 -8.84 -11.42 -12.90
C ALA A 70 -7.94 -12.64 -12.89
N ASN A 71 -8.44 -13.72 -13.51
CA ASN A 71 -7.74 -15.01 -13.62
C ASN A 71 -7.66 -15.74 -12.29
N ALA A 72 -8.10 -15.13 -11.20
CA ALA A 72 -7.92 -15.72 -9.89
C ALA A 72 -9.09 -16.64 -9.52
N LYS A 73 -8.81 -17.59 -8.63
CA LYS A 73 -9.79 -18.54 -8.12
C LYS A 73 -9.81 -18.48 -6.60
N ARG A 74 -10.91 -18.95 -6.01
CA ARG A 74 -11.04 -18.96 -4.56
C ARG A 74 -11.81 -20.19 -4.11
N LYS A 75 -11.62 -20.53 -2.85
CA LYS A 75 -12.25 -21.71 -2.25
C LYS A 75 -12.42 -21.45 -0.76
N THR A 76 -13.60 -21.76 -0.24
CA THR A 76 -13.84 -21.65 1.20
C THR A 76 -13.02 -22.70 1.93
N VAL A 77 -12.30 -22.27 2.98
CA VAL A 77 -11.45 -23.18 3.75
C VAL A 77 -11.90 -23.33 5.20
N ARG A 78 -12.60 -22.35 5.77
CA ARG A 78 -13.11 -22.49 7.13
C ARG A 78 -14.41 -21.72 7.25
N ARG A 79 -15.38 -22.31 7.95
CA ARG A 79 -16.66 -21.64 8.15
C ARG A 79 -16.57 -20.60 9.25
N SER A 80 -17.51 -19.66 9.22
CA SER A 80 -17.50 -18.52 10.13
C SER A 80 -18.06 -18.92 11.49
N LYS A 81 -17.26 -18.72 12.53
CA LYS A 81 -17.71 -18.91 13.91
C LYS A 81 -17.11 -17.81 14.77
N PRO A 82 -17.78 -16.67 14.88
CA PRO A 82 -17.26 -15.59 15.73
C PRO A 82 -17.51 -15.87 17.20
N LYS A 83 -16.70 -15.22 18.04
CA LYS A 83 -16.82 -15.34 19.48
C LYS A 83 -16.68 -13.95 20.10
N ILE A 84 -17.43 -13.70 21.16
CA ILE A 84 -17.29 -12.48 21.94
C ILE A 84 -16.23 -12.73 23.00
N LEU A 85 -15.35 -11.75 23.19
CA LEU A 85 -14.34 -11.80 24.24
C LEU A 85 -14.63 -10.71 25.26
N ARG A 86 -14.48 -11.05 26.53
CA ARG A 86 -14.78 -10.12 27.62
C ARG A 86 -13.81 -10.36 28.76
N ALA A 87 -13.52 -9.28 29.50
CA ALA A 87 -12.61 -9.36 30.64
C ALA A 87 -13.32 -9.11 31.97
N ASP A 88 -14.61 -8.81 31.97
CA ASP A 88 -15.35 -8.57 33.20
C ASP A 88 -15.79 -9.89 33.83
N GLY A 92 -22.96 -14.08 34.22
CA GLY A 92 -23.73 -14.73 33.16
C GLY A 92 -23.27 -14.36 31.76
N GLN A 93 -23.99 -14.86 30.76
CA GLN A 93 -23.67 -14.59 29.36
C GLN A 93 -24.32 -13.27 28.93
N LEU A 94 -23.61 -12.54 28.07
CA LEU A 94 -24.09 -11.24 27.61
C LEU A 94 -25.32 -11.41 26.73
N THR A 95 -26.39 -10.69 27.08
CA THR A 95 -27.56 -10.61 26.21
C THR A 95 -27.27 -9.70 25.03
N LEU A 96 -28.23 -9.63 24.09
CA LEU A 96 -28.04 -8.77 22.93
C LEU A 96 -28.02 -7.30 23.33
N ASP A 97 -28.88 -6.92 24.28
CA ASP A 97 -28.90 -5.53 24.73
C ASP A 97 -27.60 -5.15 25.41
N ASP A 98 -27.03 -6.06 26.21
CA ASP A 98 -25.71 -5.81 26.79
C ASP A 98 -24.67 -5.64 25.70
N TYR A 99 -24.72 -6.49 24.66
CA TYR A 99 -23.76 -6.41 23.58
C TYR A 99 -23.79 -5.06 22.89
N CYS A 100 -24.99 -4.55 22.61
CA CYS A 100 -25.15 -3.26 21.95
C CYS A 100 -24.90 -2.08 22.89
N ALA A 101 -24.79 -2.32 24.20
CA ALA A 101 -24.54 -1.24 25.16
C ALA A 101 -23.08 -1.15 25.57
N ARG A 102 -22.34 -2.25 25.52
CA ARG A 102 -20.94 -2.22 25.91
C ARG A 102 -20.11 -1.53 24.83
N PRO A 103 -18.96 -0.97 25.20
CA PRO A 103 -18.04 -0.44 24.19
C PRO A 103 -17.30 -1.56 23.48
N HIS A 104 -17.00 -1.33 22.20
CA HIS A 104 -16.42 -2.35 21.34
C HIS A 104 -15.04 -1.91 20.85
N ALA A 105 -14.11 -2.85 20.88
CA ALA A 105 -12.81 -2.70 20.23
C ALA A 105 -12.85 -3.46 18.91
N LEU A 106 -12.50 -2.76 17.82
CA LEU A 106 -12.47 -3.34 16.49
C LEU A 106 -11.04 -3.72 16.14
N VAL A 107 -10.85 -4.91 15.58
CA VAL A 107 -9.52 -5.45 15.36
C VAL A 107 -9.30 -5.66 13.86
N SER A 108 -8.34 -4.92 13.30
CA SER A 108 -7.77 -5.17 11.98
C SER A 108 -8.81 -5.03 10.86
N PHE A 109 -9.41 -3.84 10.78
CA PHE A 109 -10.33 -3.51 9.70
C PHE A 109 -9.80 -2.36 8.86
N ALA A 110 -8.49 -2.32 8.65
CA ALA A 110 -7.84 -1.49 7.65
C ALA A 110 -7.98 0.01 7.93
N GLY A 111 -8.18 0.39 9.19
CA GLY A 111 -8.28 1.78 9.57
C GLY A 111 -9.68 2.32 9.71
N ASP A 112 -10.70 1.54 9.38
CA ASP A 112 -12.07 2.00 9.48
C ASP A 112 -12.62 1.76 10.88
N LEU A 113 -13.69 2.48 11.21
CA LEU A 113 -14.37 2.34 12.49
C LEU A 113 -15.61 1.46 12.40
N SER A 114 -15.80 0.75 11.28
CA SER A 114 -16.91 -0.17 11.11
C SER A 114 -16.39 -1.56 10.76
N GLY A 115 -17.13 -2.57 11.20
CA GLY A 115 -16.78 -3.94 10.90
C GLY A 115 -17.99 -4.75 10.47
N PHE A 116 -17.81 -6.07 10.34
CA PHE A 116 -18.91 -6.93 9.92
C PHE A 116 -20.07 -6.87 10.89
N VAL A 117 -19.79 -6.80 12.19
CA VAL A 117 -20.83 -6.78 13.21
C VAL A 117 -21.76 -5.58 13.03
N ASP A 118 -21.22 -4.45 12.56
CA ASP A 118 -22.06 -3.29 12.32
C ASP A 118 -23.09 -3.57 11.23
N GLU A 119 -22.69 -4.30 10.18
CA GLU A 119 -23.64 -4.66 9.14
C GLU A 119 -24.70 -5.63 9.68
N GLU A 120 -24.30 -6.57 10.53
CA GLU A 120 -25.25 -7.54 11.07
C GLU A 120 -26.25 -6.88 12.00
N LEU A 121 -25.79 -6.00 12.88
CA LEU A 121 -26.68 -5.36 13.84
C LEU A 121 -27.74 -4.51 13.15
N GLU A 122 -27.40 -3.93 11.99
CA GLU A 122 -28.36 -3.09 11.28
C GLU A 122 -29.58 -3.88 10.84
N LYS A 123 -29.44 -5.19 10.62
CA LYS A 123 -30.56 -6.01 10.19
C LYS A 123 -31.61 -6.17 11.28
N PHE A 124 -31.26 -5.89 12.54
CA PHE A 124 -32.23 -5.83 13.62
C PHE A 124 -32.56 -4.40 14.02
N GLY A 125 -32.14 -3.42 13.23
CA GLY A 125 -32.31 -2.03 13.61
C GLY A 125 -31.54 -1.64 14.84
N ARG A 126 -30.36 -2.23 15.05
CA ARG A 126 -29.54 -1.95 16.21
C ARG A 126 -28.21 -1.38 15.77
N LYS A 127 -27.49 -0.82 16.75
CA LYS A 127 -26.17 -0.27 16.51
C LYS A 127 -25.32 -0.47 17.75
N ARG A 128 -24.02 -0.20 17.59
CA ARG A 128 -23.05 -0.33 18.67
C ARG A 128 -22.10 0.85 18.62
N LYS A 129 -21.29 0.99 19.66
CA LYS A 129 -20.30 2.07 19.75
C LYS A 129 -18.91 1.43 19.72
N VAL A 130 -18.17 1.70 18.65
CA VAL A 130 -16.78 1.28 18.55
C VAL A 130 -15.93 2.39 19.14
N VAL A 131 -15.16 2.06 20.18
CA VAL A 131 -14.33 3.06 20.86
C VAL A 131 -12.85 2.95 20.50
N LEU A 132 -12.44 1.89 19.80
CA LEU A 132 -11.03 1.65 19.57
C LEU A 132 -10.87 0.72 18.36
N ALA A 133 -9.83 0.98 17.57
CA ALA A 133 -9.46 0.11 16.44
C ALA A 133 -7.97 -0.19 16.51
N VAL A 134 -7.63 -1.47 16.60
CA VAL A 134 -6.24 -1.91 16.66
C VAL A 134 -6.00 -2.85 15.48
N PRO A 135 -4.74 -3.05 15.08
CA PRO A 135 -4.45 -3.91 13.94
C PRO A 135 -4.11 -5.36 14.27
N GLN A 136 -4.02 -5.74 15.54
CA GLN A 136 -3.52 -7.06 15.89
C GLN A 136 -4.38 -7.69 16.98
N PHE A 137 -4.46 -9.02 16.95
CA PHE A 137 -5.19 -9.76 17.97
C PHE A 137 -4.33 -10.12 19.17
N ASN A 138 -3.03 -10.35 18.95
CA ASN A 138 -2.14 -10.70 20.05
C ASN A 138 -2.07 -9.57 21.06
N GLY A 139 -2.26 -9.90 22.33
CA GLY A 139 -2.28 -8.91 23.38
C GLY A 139 -3.64 -8.30 23.65
N LEU A 140 -4.71 -8.83 23.04
CA LEU A 140 -6.04 -8.30 23.31
C LEU A 140 -6.42 -8.47 24.78
N GLY A 141 -5.94 -9.53 25.41
CA GLY A 141 -6.26 -9.76 26.82
C GLY A 141 -5.78 -8.62 27.71
N THR A 142 -4.49 -8.29 27.60
CA THR A 142 -3.96 -7.16 28.36
C THR A 142 -4.60 -5.85 27.93
N LEU A 143 -5.16 -5.78 26.72
CA LEU A 143 -5.80 -4.56 26.25
C LEU A 143 -7.17 -4.35 26.88
N LEU A 144 -7.95 -5.41 27.02
CA LEU A 144 -9.29 -5.33 27.59
C LEU A 144 -9.31 -5.52 29.10
N ALA A 145 -8.15 -5.79 29.71
CA ALA A 145 -8.11 -6.11 31.13
C ALA A 145 -8.62 -4.94 31.96
N GLY A 146 -9.50 -5.25 32.91
CA GLY A 146 -10.05 -4.24 33.79
C GLY A 146 -11.03 -3.29 33.13
N THR A 147 -11.50 -3.59 31.93
CA THR A 147 -12.43 -2.74 31.20
C THR A 147 -13.71 -3.51 30.89
N ASP A 148 -14.73 -2.76 30.48
CA ASP A 148 -15.96 -3.34 29.95
C ASP A 148 -15.93 -3.45 28.43
N ILE A 149 -14.80 -3.12 27.81
CA ILE A 149 -14.69 -3.21 26.36
C ILE A 149 -14.70 -4.68 25.93
N ILE A 150 -15.47 -4.99 24.90
CA ILE A 150 -15.55 -6.34 24.36
C ILE A 150 -15.13 -6.31 22.90
N ALA A 151 -14.71 -7.48 22.41
CA ALA A 151 -14.30 -7.65 21.03
C ALA A 151 -14.93 -8.92 20.46
N THR A 152 -15.11 -8.94 19.14
CA THR A 152 -15.75 -10.05 18.44
C THR A 152 -14.77 -10.58 17.40
N VAL A 153 -14.22 -11.77 17.65
CA VAL A 153 -13.11 -12.29 16.87
C VAL A 153 -13.47 -13.68 16.35
N PRO A 154 -12.78 -14.16 15.31
CA PRO A 154 -13.01 -15.53 14.86
C PRO A 154 -12.59 -16.54 15.92
N ASP A 155 -13.21 -17.72 15.86
CA ASP A 155 -13.06 -18.68 16.95
C ASP A 155 -11.61 -19.14 17.13
N TYR A 156 -10.86 -19.26 16.03
CA TYR A 156 -9.48 -19.70 16.18
C TYR A 156 -8.63 -18.66 16.90
N ALA A 157 -8.95 -17.38 16.74
CA ALA A 157 -8.24 -16.34 17.49
C ALA A 157 -8.67 -16.34 18.95
N ALA A 158 -9.96 -16.58 19.21
CA ALA A 158 -10.44 -16.64 20.58
C ALA A 158 -9.81 -17.82 21.33
N GLN A 159 -9.65 -18.96 20.65
CA GLN A 159 -9.06 -20.13 21.29
C GLN A 159 -7.65 -19.83 21.79
N ALA A 160 -6.84 -19.15 20.97
CA ALA A 160 -5.49 -18.80 21.40
C ALA A 160 -5.50 -17.74 22.49
N LEU A 161 -6.42 -16.77 22.40
CA LEU A 161 -6.46 -15.70 23.39
C LEU A 161 -6.93 -16.21 24.74
N ILE A 162 -7.95 -17.09 24.76
CA ILE A 162 -8.40 -17.66 26.01
C ILE A 162 -7.31 -18.53 26.64
N ALA A 163 -6.51 -19.20 25.80
CA ALA A 163 -5.45 -20.06 26.32
C ALA A 163 -4.40 -19.27 27.08
N ALA A 164 -4.25 -17.98 26.77
CA ALA A 164 -3.29 -17.15 27.49
C ALA A 164 -3.84 -16.66 28.83
N GLY A 165 -5.13 -16.83 29.09
CA GLY A 165 -5.72 -16.45 30.35
C GLY A 165 -6.19 -15.00 30.37
N GLY A 166 -7.14 -14.73 31.26
CA GLY A 166 -7.61 -13.38 31.51
C GLY A 166 -8.89 -13.00 30.80
N LEU A 167 -9.44 -13.85 29.94
CA LEU A 167 -10.61 -13.50 29.16
C LEU A 167 -11.62 -14.64 29.17
N ARG A 168 -12.86 -14.28 28.82
CA ARG A 168 -13.95 -15.24 28.64
C ARG A 168 -14.50 -15.13 27.23
N ALA A 169 -14.84 -16.27 26.64
CA ALA A 169 -15.33 -16.33 25.27
C ALA A 169 -16.75 -16.87 25.25
N GLU A 170 -17.60 -16.23 24.45
CA GLU A 170 -18.99 -16.64 24.31
C GLU A 170 -19.41 -16.55 22.86
N ASP A 171 -20.51 -17.23 22.53
CA ASP A 171 -21.09 -17.07 21.21
C ASP A 171 -21.88 -15.76 21.15
N PRO A 172 -21.86 -15.07 20.01
CA PRO A 172 -22.58 -13.80 19.90
C PRO A 172 -24.08 -14.02 19.83
N PRO A 173 -24.89 -12.99 20.17
CA PRO A 173 -26.35 -13.15 20.18
C PRO A 173 -26.99 -12.92 18.82
N PHE A 174 -26.30 -13.33 17.76
CA PHE A 174 -26.79 -13.22 16.40
C PHE A 174 -25.88 -14.07 15.54
N GLU A 175 -25.99 -13.97 14.21
CA GLU A 175 -25.05 -14.72 13.40
C GLU A 175 -24.74 -14.09 12.07
N THR A 176 -23.75 -14.73 11.46
CA THR A 176 -22.96 -14.12 10.42
C THR A 176 -22.11 -15.20 9.79
N ARG A 177 -22.08 -15.19 8.47
CA ARG A 177 -21.09 -15.87 7.68
C ARG A 177 -19.88 -14.99 7.39
N ALA A 178 -19.86 -13.77 7.94
CA ALA A 178 -18.87 -12.78 7.51
C ALA A 178 -17.45 -13.16 7.89
N PHE A 179 -17.26 -14.10 8.81
CA PHE A 179 -15.93 -14.49 9.25
C PHE A 179 -15.42 -15.75 8.54
N GLU A 180 -16.11 -16.20 7.49
CA GLU A 180 -15.65 -17.37 6.75
C GLU A 180 -14.31 -17.09 6.08
N LEU A 181 -13.40 -18.06 6.18
CA LEU A 181 -12.08 -17.94 5.58
C LEU A 181 -12.08 -18.53 4.18
N SER A 182 -11.55 -17.78 3.23
CA SER A 182 -11.44 -18.23 1.85
C SER A 182 -9.98 -18.17 1.42
N MSE A 183 -9.58 -19.16 0.64
CA MSE A 183 -8.23 -19.21 0.10
C MSE A 183 -8.28 -18.86 -1.39
O MSE A 183 -9.07 -19.42 -2.14
CB MSE A 183 -7.62 -20.59 0.30
CG MSE A 183 -6.36 -20.86 -0.46
SE MSE A 183 -5.72 -22.68 -0.18
CE MSE A 183 -7.00 -23.63 -1.31
N ALA A 184 -7.46 -17.90 -1.80
CA ALA A 184 -7.47 -17.39 -3.16
C ALA A 184 -6.11 -17.57 -3.81
N TRP A 185 -6.10 -17.80 -5.12
CA TRP A 185 -4.86 -17.97 -5.86
C TRP A 185 -5.08 -17.59 -7.31
N ARG A 186 -3.98 -17.40 -8.03
CA ARG A 186 -4.04 -17.04 -9.44
C ARG A 186 -4.21 -18.27 -10.31
N GLY A 187 -5.05 -18.16 -11.34
CA GLY A 187 -5.31 -19.28 -12.22
C GLY A 187 -4.09 -19.75 -12.99
N ALA A 188 -3.08 -18.89 -13.16
CA ALA A 188 -1.86 -19.31 -13.82
C ALA A 188 -1.13 -20.38 -13.02
N GLN A 189 -1.15 -20.26 -11.69
CA GLN A 189 -0.52 -21.24 -10.81
C GLN A 189 -1.44 -22.40 -10.47
N ASP A 190 -2.62 -22.47 -11.11
CA ASP A 190 -3.56 -23.55 -10.86
C ASP A 190 -3.07 -24.90 -11.35
N ASN A 191 -1.97 -24.95 -12.10
CA ASN A 191 -1.41 -26.21 -12.57
C ASN A 191 -0.09 -26.59 -11.91
N ASP A 192 0.61 -25.64 -11.30
CA ASP A 192 1.91 -25.90 -10.68
C ASP A 192 1.75 -26.96 -9.59
N PRO A 193 2.40 -28.13 -9.72
CA PRO A 193 2.26 -29.17 -8.69
C PRO A 193 2.75 -28.72 -7.32
N ALA A 194 3.80 -27.91 -7.25
CA ALA A 194 4.26 -27.40 -5.97
C ALA A 194 3.23 -26.48 -5.34
N GLU A 195 2.64 -25.58 -6.15
CA GLU A 195 1.62 -24.69 -5.62
C GLU A 195 0.37 -25.46 -5.19
N ARG A 196 -0.01 -26.49 -5.97
CA ARG A 196 -1.19 -27.26 -5.60
C ARG A 196 -0.94 -28.10 -4.35
N TRP A 197 0.29 -28.58 -4.16
CA TRP A 197 0.64 -29.20 -2.88
C TRP A 197 0.43 -28.23 -1.74
N LEU A 198 0.93 -27.00 -1.89
CA LEU A 198 0.82 -26.01 -0.83
C LEU A 198 -0.63 -25.66 -0.54
N ARG A 199 -1.42 -25.37 -1.58
CA ARG A 199 -2.84 -25.09 -1.37
C ARG A 199 -3.55 -26.29 -0.77
N SER A 200 -3.12 -27.50 -1.13
CA SER A 200 -3.70 -28.70 -0.54
C SER A 200 -3.46 -28.73 0.97
N ARG A 201 -2.24 -28.41 1.41
CA ARG A 201 -1.92 -28.49 2.82
C ARG A 201 -2.57 -27.37 3.61
N ILE A 202 -2.61 -26.16 3.03
CA ILE A 202 -3.32 -25.06 3.68
C ILE A 202 -4.79 -25.41 3.86
N SER A 203 -5.41 -25.98 2.83
CA SER A 203 -6.82 -26.35 2.89
C SER A 203 -7.08 -27.38 3.97
N MSE A 204 -6.24 -28.42 4.02
CA MSE A 204 -6.39 -29.48 5.02
C MSE A 204 -6.25 -28.95 6.43
O MSE A 204 -7.16 -29.07 7.26
CB MSE A 204 -5.35 -30.57 4.77
CG MSE A 204 -5.88 -31.80 4.09
SE MSE A 204 -4.45 -33.09 3.80
CE MSE A 204 -3.62 -32.22 2.28
N PHE A 205 -5.08 -28.38 6.72
CA PHE A 205 -4.76 -27.83 8.03
C PHE A 205 -5.39 -26.46 8.25
N ILE A 206 -6.42 -26.16 7.47
CA ILE A 206 -7.28 -24.98 7.58
C ILE A 206 -6.59 -23.75 8.16
N MSE B 3 -9.83 19.58 25.71
CA MSE B 3 -9.87 18.27 25.04
C MSE B 3 -10.90 17.34 25.68
O MSE B 3 -11.18 16.27 25.16
CB MSE B 3 -8.49 17.62 25.07
CG MSE B 3 -8.21 16.74 23.86
SE MSE B 3 -8.04 17.79 22.22
CE MSE B 3 -6.85 19.18 22.91
N ALA B 4 -11.44 17.77 26.83
CA ALA B 4 -12.36 16.90 27.56
C ALA B 4 -13.68 16.70 26.83
N THR B 5 -14.11 17.69 26.05
CA THR B 5 -15.35 17.58 25.28
C THR B 5 -15.10 17.16 23.83
N SER B 6 -13.91 16.64 23.53
CA SER B 6 -13.58 16.30 22.16
C SER B 6 -14.16 14.95 21.77
N THR B 7 -14.76 14.89 20.58
CA THR B 7 -15.18 13.63 19.96
C THR B 7 -14.34 13.31 18.74
N ALA B 8 -13.13 13.86 18.65
CA ALA B 8 -12.30 13.68 17.47
C ALA B 8 -11.74 12.27 17.41
N VAL B 9 -11.48 11.81 16.19
CA VAL B 9 -10.86 10.52 15.95
C VAL B 9 -9.39 10.74 15.67
N PHE B 10 -8.53 9.98 16.33
CA PHE B 10 -7.09 10.09 16.17
C PHE B 10 -6.54 8.82 15.52
N ARG B 11 -5.61 9.01 14.58
CA ARG B 11 -5.01 7.92 13.83
C ARG B 11 -3.51 7.93 14.08
N ILE B 12 -3.00 6.84 14.67
CA ILE B 12 -1.59 6.71 14.99
C ILE B 12 -1.07 5.39 14.43
N GLY B 13 0.24 5.35 14.23
CA GLY B 13 0.92 4.14 13.75
C GLY B 13 1.84 3.60 14.82
N LEU B 14 1.80 2.29 15.02
CA LEU B 14 2.59 1.67 16.07
C LEU B 14 3.27 0.42 15.54
N SER B 15 4.54 0.26 15.90
CA SER B 15 5.22 -1.01 15.69
C SER B 15 4.52 -2.09 16.52
N ASP B 16 4.54 -3.32 16.01
CA ASP B 16 3.73 -4.36 16.63
C ASP B 16 4.23 -4.72 18.03
N ASP B 17 5.53 -4.58 18.28
CA ASP B 17 6.03 -4.82 19.63
C ASP B 17 5.70 -3.67 20.57
N VAL B 18 5.85 -2.43 20.09
CA VAL B 18 5.53 -1.26 20.91
C VAL B 18 4.08 -1.27 21.36
N GLU B 19 3.19 -1.79 20.51
CA GLU B 19 1.76 -1.81 20.81
C GLU B 19 1.45 -2.56 22.11
N PHE B 20 2.24 -3.57 22.45
CA PHE B 20 1.95 -4.37 23.64
C PHE B 20 2.10 -3.56 24.92
N GLY B 21 3.19 -2.80 25.04
CA GLY B 21 3.45 -2.05 26.25
C GLY B 21 2.82 -0.67 26.29
N LEU B 22 2.80 0.01 25.15
CA LEU B 22 2.38 1.40 25.12
C LEU B 22 0.86 1.53 25.17
N LEU B 23 0.15 0.68 24.43
CA LEU B 23 -1.29 0.87 24.21
C LEU B 23 -2.12 0.77 25.49
N PRO B 24 -1.97 -0.25 26.35
CA PRO B 24 -2.89 -0.39 27.50
C PRO B 24 -2.83 0.81 28.44
N PRO B 25 -1.65 1.24 28.90
CA PRO B 25 -1.65 2.44 29.77
C PRO B 25 -2.09 3.70 29.04
N LEU B 26 -1.78 3.81 27.74
CA LEU B 26 -2.17 4.99 26.99
C LEU B 26 -3.69 5.10 26.89
N LEU B 27 -4.35 4.01 26.48
CA LEU B 27 -5.80 4.02 26.31
C LEU B 27 -6.51 4.50 27.57
N ARG B 28 -6.01 4.10 28.75
CA ARG B 28 -6.65 4.49 29.99
C ARG B 28 -6.59 6.00 30.22
N ARG B 29 -5.50 6.64 29.80
CA ARG B 29 -5.36 8.07 30.03
C ARG B 29 -6.32 8.87 29.15
N LEU B 30 -6.34 8.58 27.85
CA LEU B 30 -7.23 9.31 26.94
C LEU B 30 -8.69 9.08 27.32
N ARG B 31 -9.03 7.87 27.75
CA ARG B 31 -10.40 7.57 28.16
C ARG B 31 -10.81 8.41 29.37
N ALA B 32 -9.92 8.50 30.37
CA ALA B 32 -10.27 9.17 31.62
C ALA B 32 -10.43 10.67 31.43
N GLU B 33 -9.63 11.28 30.56
CA GLU B 33 -9.67 12.74 30.40
C GLU B 33 -10.40 13.19 29.15
N ALA B 34 -10.53 12.33 28.14
CA ALA B 34 -11.25 12.67 26.90
C ALA B 34 -12.09 11.48 26.50
N PRO B 35 -13.23 11.26 27.17
CA PRO B 35 -14.00 10.03 26.92
C PRO B 35 -14.63 9.95 25.53
N GLY B 36 -14.78 11.06 24.84
CA GLY B 36 -15.38 11.03 23.52
C GLY B 36 -14.46 10.73 22.37
N ILE B 37 -13.15 10.66 22.61
CA ILE B 37 -12.18 10.50 21.53
C ILE B 37 -12.03 9.03 21.16
N VAL B 38 -11.88 8.78 19.87
CA VAL B 38 -11.74 7.44 19.33
C VAL B 38 -10.35 7.29 18.75
N LEU B 39 -9.68 6.20 19.08
CA LEU B 39 -8.31 5.94 18.64
C LEU B 39 -8.28 4.84 17.60
N VAL B 40 -7.65 5.12 16.46
CA VAL B 40 -7.41 4.13 15.41
C VAL B 40 -5.90 3.90 15.34
N VAL B 41 -5.48 2.66 15.52
CA VAL B 41 -4.07 2.30 15.49
C VAL B 41 -3.81 1.53 14.20
N ARG B 42 -2.86 2.01 13.40
CA ARG B 42 -2.41 1.32 12.20
C ARG B 42 -1.05 0.68 12.46
N ARG B 43 -0.80 -0.44 11.78
CA ARG B 43 0.49 -1.12 11.88
C ARG B 43 1.56 -0.29 11.17
N ALA B 44 2.70 -0.13 11.82
CA ALA B 44 3.79 0.67 11.28
C ALA B 44 5.11 -0.07 11.37
N ASN B 45 5.96 0.11 10.36
CA ASN B 45 7.32 -0.38 10.35
C ASN B 45 8.17 0.64 9.60
N TYR B 46 9.48 0.44 9.60
CA TYR B 46 10.35 1.48 9.03
C TYR B 46 10.18 1.61 7.52
N LEU B 47 9.57 0.64 6.84
CA LEU B 47 9.28 0.78 5.41
C LEU B 47 7.97 1.52 5.15
N LEU B 48 6.92 1.20 5.91
CA LEU B 48 5.62 1.83 5.72
C LEU B 48 5.55 3.22 6.34
N MSE B 49 6.50 3.56 7.21
CA MSE B 49 6.41 4.78 8.01
C MSE B 49 6.31 6.08 7.18
O MSE B 49 5.42 6.89 7.45
CB MSE B 49 7.60 4.86 8.97
CG MSE B 49 7.46 5.92 10.03
SE MSE B 49 5.87 5.66 11.13
CE MSE B 49 5.90 7.40 12.00
N PRO B 50 7.17 6.29 6.19
CA PRO B 50 7.00 7.48 5.34
C PRO B 50 5.70 7.47 4.55
N ASN B 51 5.24 6.28 4.12
CA ASN B 51 3.96 6.19 3.42
C ASN B 51 2.81 6.60 4.32
N LEU B 52 2.80 6.12 5.57
CA LEU B 52 1.69 6.41 6.48
C LEU B 52 1.61 7.90 6.78
N LEU B 53 2.76 8.57 6.92
CA LEU B 53 2.75 10.00 7.21
C LEU B 53 2.39 10.81 5.97
N ALA B 54 3.05 10.54 4.85
CA ALA B 54 2.86 11.36 3.65
C ALA B 54 1.45 11.23 3.08
N SER B 55 0.80 10.09 3.31
CA SER B 55 -0.53 9.86 2.77
C SER B 55 -1.65 10.32 3.70
N GLY B 56 -1.35 10.62 4.96
CA GLY B 56 -2.37 11.05 5.90
C GLY B 56 -3.01 9.93 6.70
N GLU B 57 -2.50 8.70 6.60
CA GLU B 57 -3.12 7.58 7.31
C GLU B 57 -2.92 7.68 8.82
N ILE B 58 -1.83 8.31 9.26
CA ILE B 58 -1.58 8.56 10.67
C ILE B 58 -1.10 9.99 10.82
N SER B 59 -1.31 10.54 12.02
CA SER B 59 -0.73 11.83 12.35
C SER B 59 0.59 11.71 13.08
N VAL B 60 0.81 10.58 13.76
CA VAL B 60 2.02 10.35 14.52
C VAL B 60 2.24 8.84 14.58
N GLY B 61 3.50 8.44 14.64
CA GLY B 61 3.83 7.03 14.76
C GLY B 61 4.94 6.82 15.76
N VAL B 62 4.88 5.68 16.44
CA VAL B 62 5.94 5.21 17.31
C VAL B 62 6.41 3.87 16.74
N SER B 63 7.58 3.88 16.12
CA SER B 63 8.03 2.77 15.30
C SER B 63 9.54 2.81 15.22
N TYR B 64 10.13 1.69 14.81
CA TYR B 64 11.48 1.74 14.27
C TYR B 64 11.45 2.56 12.99
N THR B 65 12.41 3.45 12.85
CA THR B 65 12.44 4.37 11.71
C THR B 65 13.82 4.38 11.08
N ASP B 66 13.86 4.49 9.76
CA ASP B 66 15.11 4.65 9.03
C ASP B 66 15.10 6.05 8.47
N GLU B 67 14.55 6.28 7.27
CA GLU B 67 14.41 7.61 6.71
C GLU B 67 12.95 8.06 6.77
N LEU B 68 12.76 9.36 6.88
CA LEU B 68 11.45 9.98 6.96
C LEU B 68 11.36 11.09 5.94
N PRO B 69 10.15 11.46 5.50
CA PRO B 69 10.01 12.57 4.57
C PRO B 69 10.55 13.87 5.15
N ALA B 70 10.94 14.78 4.25
CA ALA B 70 11.51 16.05 4.67
C ALA B 70 10.50 16.87 5.48
N ASN B 71 9.22 16.73 5.18
CA ASN B 71 8.15 17.43 5.91
C ASN B 71 7.70 16.64 7.12
N ALA B 72 8.65 16.14 7.90
CA ALA B 72 8.33 15.31 9.06
C ALA B 72 9.30 15.60 10.19
N LYS B 73 8.76 15.77 11.39
CA LYS B 73 9.55 15.92 12.61
C LYS B 73 9.65 14.56 13.31
N ARG B 74 10.74 14.37 14.05
CA ARG B 74 10.96 13.09 14.70
C ARG B 74 11.66 13.31 16.04
N LYS B 75 11.48 12.34 16.93
CA LYS B 75 12.03 12.37 18.28
C LYS B 75 12.44 10.95 18.65
N THR B 76 13.72 10.76 18.94
CA THR B 76 14.18 9.46 19.41
C THR B 76 13.55 9.13 20.75
N VAL B 77 12.94 7.95 20.85
CA VAL B 77 12.38 7.49 22.12
C VAL B 77 13.20 6.37 22.73
N ARG B 78 13.97 5.62 21.94
CA ARG B 78 14.80 4.55 22.48
C ARG B 78 15.84 4.08 21.48
N ARG B 79 17.09 4.05 21.89
CA ARG B 79 18.15 3.47 21.07
C ARG B 79 18.06 1.94 21.10
N SER B 80 18.47 1.31 20.00
CA SER B 80 18.34 -0.13 19.86
C SER B 80 19.70 -0.77 19.63
N LYS B 81 19.83 -2.00 20.14
CA LYS B 81 20.96 -2.86 19.85
C LYS B 81 20.42 -4.22 19.41
N PRO B 82 21.12 -4.92 18.53
CA PRO B 82 20.62 -6.20 18.03
C PRO B 82 20.75 -7.31 19.06
N LYS B 83 19.83 -8.27 18.97
CA LYS B 83 19.81 -9.43 19.84
C LYS B 83 19.52 -10.67 19.01
N ILE B 84 20.17 -11.78 19.37
CA ILE B 84 19.87 -13.09 18.80
C ILE B 84 18.83 -13.76 19.67
N LEU B 85 17.85 -14.40 19.04
CA LEU B 85 16.84 -15.18 19.73
C LEU B 85 16.97 -16.63 19.28
N ARG B 86 17.00 -17.55 20.24
CA ARG B 86 17.05 -18.97 19.91
C ARG B 86 16.18 -19.75 20.88
N ALA B 87 15.84 -20.97 20.47
CA ALA B 87 14.96 -21.84 21.25
C ALA B 87 15.56 -23.20 21.54
N ASP B 88 16.76 -23.50 21.06
CA ASP B 88 17.36 -24.79 21.32
C ASP B 88 17.94 -24.83 22.73
N SER B 89 18.40 -26.01 23.13
CA SER B 89 18.88 -26.24 24.50
C SER B 89 20.38 -26.43 24.56
N ALA B 90 21.10 -26.18 23.48
CA ALA B 90 22.55 -26.40 23.48
C ALA B 90 23.24 -25.38 24.38
N PRO B 91 24.17 -25.79 25.23
CA PRO B 91 24.83 -24.84 26.11
C PRO B 91 25.78 -23.94 25.34
N GLY B 92 26.00 -22.76 25.89
CA GLY B 92 26.99 -21.86 25.33
C GLY B 92 26.41 -20.89 24.31
N GLN B 93 27.06 -19.74 24.19
CA GLN B 93 26.64 -18.74 23.23
C GLN B 93 27.04 -19.16 21.82
N LEU B 94 26.27 -18.70 20.84
CA LEU B 94 26.58 -19.00 19.45
C LEU B 94 27.83 -18.25 19.02
N THR B 95 28.75 -18.97 18.39
CA THR B 95 29.85 -18.32 17.70
C THR B 95 29.38 -17.86 16.33
N LEU B 96 30.23 -17.08 15.65
CA LEU B 96 29.93 -16.67 14.29
C LEU B 96 29.72 -17.87 13.39
N ASP B 97 30.55 -18.91 13.55
CA ASP B 97 30.40 -20.12 12.76
C ASP B 97 29.06 -20.79 13.01
N ASP B 98 28.68 -20.94 14.29
CA ASP B 98 27.36 -21.47 14.62
C ASP B 98 26.27 -20.65 13.97
N TYR B 99 26.39 -19.33 14.04
CA TYR B 99 25.35 -18.44 13.51
C TYR B 99 25.16 -18.65 12.02
N CYS B 100 26.26 -18.69 11.27
CA CYS B 100 26.19 -18.82 9.82
C CYS B 100 25.72 -20.20 9.38
N ALA B 101 25.82 -21.21 10.23
CA ALA B 101 25.44 -22.57 9.87
C ALA B 101 23.99 -22.90 10.20
N ARG B 102 23.38 -22.18 11.12
CA ARG B 102 22.01 -22.52 11.48
C ARG B 102 21.02 -21.80 10.59
N PRO B 103 19.78 -22.28 10.52
CA PRO B 103 18.77 -21.59 9.72
C PRO B 103 18.20 -20.39 10.45
N HIS B 104 17.72 -19.42 9.69
CA HIS B 104 17.35 -18.13 10.24
C HIS B 104 15.91 -17.76 9.89
N ALA B 105 15.27 -17.07 10.83
CA ALA B 105 13.99 -16.43 10.61
C ALA B 105 14.23 -14.93 10.51
N LEU B 106 13.64 -14.31 9.49
CA LEU B 106 13.84 -12.89 9.22
C LEU B 106 12.53 -12.15 9.40
N VAL B 107 12.55 -11.07 10.18
CA VAL B 107 11.40 -10.17 10.24
C VAL B 107 11.54 -9.23 9.05
N SER B 108 10.84 -9.55 7.97
CA SER B 108 10.88 -8.79 6.73
C SER B 108 9.50 -8.23 6.46
N PHE B 109 9.42 -6.91 6.34
CA PHE B 109 8.13 -6.23 6.22
C PHE B 109 7.62 -6.16 4.79
N ALA B 110 8.40 -6.63 3.81
CA ALA B 110 7.97 -6.59 2.43
C ALA B 110 8.31 -7.87 1.67
N GLY B 111 8.57 -8.97 2.36
CA GLY B 111 8.76 -10.25 1.70
C GLY B 111 10.15 -10.52 1.18
N ASP B 112 11.14 -9.72 1.53
CA ASP B 112 12.51 -10.02 1.13
C ASP B 112 13.06 -11.18 1.96
N LEU B 113 13.86 -12.03 1.32
CA LEU B 113 14.49 -13.14 2.01
C LEU B 113 15.88 -12.79 2.54
N SER B 114 16.36 -11.58 2.30
CA SER B 114 17.63 -11.13 2.85
C SER B 114 17.42 -9.80 3.56
N GLY B 115 18.32 -9.51 4.49
CA GLY B 115 18.23 -8.29 5.27
C GLY B 115 19.56 -7.62 5.49
N PHE B 116 19.62 -6.72 6.47
CA PHE B 116 20.87 -6.01 6.73
C PHE B 116 21.94 -6.94 7.29
N VAL B 117 21.54 -7.95 8.07
CA VAL B 117 22.50 -8.94 8.55
C VAL B 117 23.20 -9.61 7.38
N ASP B 118 22.43 -9.99 6.36
CA ASP B 118 23.02 -10.58 5.16
C ASP B 118 23.93 -9.59 4.46
N GLU B 119 23.54 -8.32 4.43
CA GLU B 119 24.39 -7.28 3.85
C GLU B 119 25.71 -7.17 4.60
N GLU B 120 25.67 -7.23 5.93
CA GLU B 120 26.89 -7.13 6.72
C GLU B 120 27.76 -8.37 6.59
N LEU B 121 27.14 -9.56 6.61
CA LEU B 121 27.91 -10.79 6.47
C LEU B 121 28.60 -10.87 5.11
N GLU B 122 27.94 -10.36 4.06
CA GLU B 122 28.52 -10.39 2.72
C GLU B 122 29.81 -9.59 2.66
N LYS B 123 29.90 -8.51 3.42
CA LYS B 123 31.12 -7.69 3.42
C LYS B 123 32.35 -8.52 3.79
N PHE B 124 32.17 -9.54 4.63
CA PHE B 124 33.26 -10.38 5.09
C PHE B 124 33.29 -11.74 4.41
N GLY B 125 32.55 -11.90 3.31
CA GLY B 125 32.54 -13.15 2.58
C GLY B 125 31.79 -14.28 3.26
N ARG B 126 30.87 -13.95 4.17
CA ARG B 126 30.06 -14.95 4.87
C ARG B 126 28.61 -14.82 4.44
N LYS B 127 27.84 -15.88 4.71
CA LYS B 127 26.42 -15.89 4.37
C LYS B 127 25.68 -16.80 5.33
N ARG B 128 24.36 -16.75 5.23
CA ARG B 128 23.47 -17.54 6.06
C ARG B 128 22.27 -17.95 5.23
N LYS B 129 21.53 -18.96 5.71
CA LYS B 129 20.34 -19.44 5.03
C LYS B 129 19.10 -19.01 5.81
N VAL B 130 18.26 -18.20 5.19
CA VAL B 130 16.98 -17.82 5.76
C VAL B 130 15.93 -18.80 5.28
N VAL B 131 15.19 -19.40 6.22
CA VAL B 131 14.13 -20.36 5.88
C VAL B 131 12.75 -19.80 6.11
N LEU B 132 12.62 -18.65 6.76
CA LEU B 132 11.32 -18.13 7.13
C LEU B 132 11.39 -16.60 7.17
N ALA B 133 10.45 -15.95 6.50
CA ALA B 133 10.30 -14.51 6.56
C ALA B 133 8.90 -14.22 7.10
N VAL B 134 8.83 -13.49 8.21
CA VAL B 134 7.55 -13.15 8.82
C VAL B 134 7.41 -11.63 8.82
N PRO B 135 6.20 -11.09 8.77
CA PRO B 135 6.01 -9.63 8.68
C PRO B 135 5.90 -8.91 10.02
N GLN B 136 6.13 -9.58 11.15
CA GLN B 136 5.97 -8.94 12.45
C GLN B 136 6.85 -9.65 13.47
N PHE B 137 6.95 -9.04 14.65
CA PHE B 137 7.75 -9.57 15.75
C PHE B 137 6.97 -10.52 16.63
N ASN B 138 5.75 -10.15 17.04
CA ASN B 138 5.01 -10.97 17.99
C ASN B 138 4.64 -12.31 17.37
N GLY B 139 4.60 -13.35 18.22
CA GLY B 139 4.36 -14.70 17.77
C GLY B 139 5.59 -15.43 17.29
N LEU B 140 6.73 -14.75 17.17
CA LEU B 140 7.94 -15.37 16.65
C LEU B 140 8.40 -16.55 17.51
N GLY B 141 8.18 -16.47 18.82
CA GLY B 141 8.57 -17.57 19.69
C GLY B 141 7.81 -18.85 19.42
N THR B 142 6.55 -18.73 19.04
CA THR B 142 5.77 -19.91 18.67
C THR B 142 6.30 -20.54 17.38
N LEU B 143 6.93 -19.75 16.52
CA LEU B 143 7.45 -20.29 15.26
C LEU B 143 8.82 -20.92 15.44
N LEU B 144 9.62 -20.44 16.38
CA LEU B 144 10.95 -20.99 16.60
C LEU B 144 10.97 -22.18 17.56
N ALA B 145 9.92 -22.35 18.36
CA ALA B 145 9.92 -23.37 19.40
C ALA B 145 10.17 -24.76 18.83
N GLY B 146 11.01 -25.53 19.51
CA GLY B 146 11.33 -26.87 19.07
C GLY B 146 12.14 -26.97 17.81
N THR B 147 12.74 -25.87 17.36
CA THR B 147 13.59 -25.85 16.18
C THR B 147 14.93 -25.21 16.54
N ASP B 148 15.87 -25.31 15.59
CA ASP B 148 17.15 -24.61 15.71
C ASP B 148 17.18 -23.33 14.88
N ILE B 149 16.01 -22.85 14.44
CA ILE B 149 15.95 -21.57 13.74
C ILE B 149 16.20 -20.44 14.73
N ILE B 150 16.98 -19.45 14.31
CA ILE B 150 17.29 -18.30 15.15
C ILE B 150 16.84 -17.04 14.42
N ALA B 151 16.57 -15.99 15.20
CA ALA B 151 16.15 -14.71 14.68
C ALA B 151 17.03 -13.61 15.27
N THR B 152 17.26 -12.57 14.48
CA THR B 152 18.04 -11.40 14.90
C THR B 152 17.11 -10.19 14.90
N VAL B 153 16.83 -9.66 16.07
CA VAL B 153 15.80 -8.62 16.23
C VAL B 153 16.35 -7.50 17.08
N PRO B 154 15.73 -6.31 17.00
CA PRO B 154 16.10 -5.23 17.93
C PRO B 154 15.83 -5.64 19.37
N ASP B 155 16.62 -5.06 20.29
CA ASP B 155 16.54 -5.46 21.70
C ASP B 155 15.17 -5.16 22.29
N TYR B 156 14.49 -4.11 21.83
CA TYR B 156 13.15 -3.85 22.34
C TYR B 156 12.19 -4.97 21.96
N ALA B 157 12.25 -5.43 20.71
CA ALA B 157 11.45 -6.58 20.31
C ALA B 157 11.88 -7.83 21.07
N ALA B 158 13.19 -8.01 21.26
CA ALA B 158 13.68 -9.15 22.03
C ALA B 158 13.08 -9.18 23.43
N GLN B 159 12.99 -8.01 24.07
CA GLN B 159 12.44 -7.93 25.42
C GLN B 159 11.01 -8.46 25.46
N ALA B 160 10.19 -8.05 24.49
CA ALA B 160 8.80 -8.50 24.47
C ALA B 160 8.71 -9.99 24.13
N LEU B 161 9.62 -10.47 23.28
CA LEU B 161 9.59 -11.89 22.92
C LEU B 161 10.14 -12.75 24.03
N ILE B 162 11.14 -12.26 24.77
CA ILE B 162 11.60 -12.99 25.95
C ILE B 162 10.49 -13.05 26.99
N ALA B 163 9.77 -11.93 27.18
CA ALA B 163 8.64 -11.92 28.09
C ALA B 163 7.57 -12.93 27.68
N ALA B 164 7.46 -13.21 26.38
CA ALA B 164 6.50 -14.21 25.92
C ALA B 164 6.92 -15.63 26.27
N GLY B 165 8.20 -15.84 26.60
CA GLY B 165 8.65 -17.11 27.14
C GLY B 165 9.18 -18.06 26.09
N GLY B 166 10.07 -18.95 26.53
CA GLY B 166 10.55 -20.04 25.71
C GLY B 166 11.77 -19.75 24.85
N LEU B 167 12.33 -18.55 24.93
CA LEU B 167 13.47 -18.15 24.11
C LEU B 167 14.65 -17.76 24.97
N ARG B 168 15.84 -17.83 24.38
CA ARG B 168 17.06 -17.27 24.95
C ARG B 168 17.49 -16.09 24.10
N ALA B 169 17.96 -15.03 24.76
CA ALA B 169 18.50 -13.86 24.07
C ALA B 169 19.99 -13.72 24.38
N GLU B 170 20.76 -13.34 23.37
CA GLU B 170 22.18 -13.09 23.56
C GLU B 170 22.65 -12.05 22.56
N ASP B 171 23.78 -11.44 22.87
CA ASP B 171 24.39 -10.51 21.94
C ASP B 171 24.92 -11.26 20.72
N PRO B 172 24.80 -10.69 19.52
CA PRO B 172 25.26 -11.40 18.33
C PRO B 172 26.78 -11.50 18.30
N PRO B 173 27.34 -12.51 17.62
CA PRO B 173 28.79 -12.65 17.55
C PRO B 173 29.42 -11.75 16.50
N PHE B 174 28.71 -10.69 16.13
CA PHE B 174 29.16 -9.71 15.15
C PHE B 174 28.27 -8.49 15.28
N GLU B 175 28.65 -7.43 14.58
CA GLU B 175 27.96 -6.15 14.67
C GLU B 175 27.03 -5.95 13.48
N THR B 176 25.79 -5.56 13.76
CA THR B 176 24.82 -5.29 12.69
C THR B 176 23.93 -4.13 13.09
N ARG B 177 23.14 -3.67 12.12
CA ARG B 177 22.32 -2.49 12.35
CA ARG B 177 22.27 -2.51 12.31
C ARG B 177 21.17 -2.79 13.32
N ALA B 178 20.70 -1.74 13.96
CA ALA B 178 19.51 -1.79 14.81
C ALA B 178 18.90 -0.40 14.81
N PHE B 179 17.77 -0.26 14.13
CA PHE B 179 17.14 1.04 13.98
C PHE B 179 16.61 1.55 15.31
N GLU B 180 16.69 2.87 15.49
CA GLU B 180 16.12 3.53 16.66
C GLU B 180 14.61 3.35 16.70
N LEU B 181 14.06 3.31 17.91
CA LEU B 181 12.63 3.57 18.08
C LEU B 181 12.42 5.08 18.11
N SER B 182 11.50 5.56 17.28
CA SER B 182 11.28 6.99 17.13
C SER B 182 9.80 7.32 17.31
N MSE B 183 9.54 8.55 17.73
CA MSE B 183 8.23 9.15 17.52
C MSE B 183 8.38 10.13 16.38
O MSE B 183 9.22 11.01 16.42
CB MSE B 183 7.70 9.86 18.76
CG MSE B 183 6.38 10.56 18.51
SE MSE B 183 5.62 11.49 20.05
CE MSE B 183 5.82 10.09 21.37
N ALA B 184 7.57 9.96 15.34
CA ALA B 184 7.67 10.79 14.15
C ALA B 184 6.30 11.32 13.76
N TRP B 185 6.26 12.58 13.35
CA TRP B 185 5.03 13.21 12.92
C TRP B 185 5.36 14.19 11.81
N ARG B 186 4.32 14.64 11.12
CA ARG B 186 4.47 15.51 9.97
C ARG B 186 4.60 16.96 10.41
N GLY B 187 5.39 17.71 9.64
CA GLY B 187 5.69 19.09 10.03
C GLY B 187 4.44 19.96 10.15
N ALA B 188 3.43 19.70 9.32
CA ALA B 188 2.22 20.52 9.35
C ALA B 188 1.53 20.47 10.71
N GLN B 189 1.61 19.33 11.39
CA GLN B 189 0.89 19.13 12.65
C GLN B 189 1.71 19.47 13.88
N ASP B 190 2.94 19.98 13.71
CA ASP B 190 3.71 20.40 14.88
C ASP B 190 3.01 21.50 15.65
N ASN B 191 2.25 22.35 14.95
CA ASN B 191 1.54 23.48 15.55
C ASN B 191 0.22 23.07 16.19
N ASP B 192 -0.37 21.98 15.74
CA ASP B 192 -1.75 21.65 16.09
C ASP B 192 -1.85 21.37 17.58
N PRO B 193 -2.80 22.00 18.30
CA PRO B 193 -2.92 21.73 19.74
C PRO B 193 -3.46 20.35 20.03
N ALA B 194 -4.43 19.88 19.24
CA ALA B 194 -4.96 18.53 19.45
C ALA B 194 -3.89 17.48 19.19
N GLU B 195 -3.04 17.71 18.20
CA GLU B 195 -1.95 16.75 17.92
C GLU B 195 -0.82 16.89 18.92
N ARG B 196 -0.46 18.12 19.28
CA ARG B 196 0.49 18.32 20.38
C ARG B 196 0.02 17.61 21.64
N TRP B 197 -1.29 17.66 21.90
CA TRP B 197 -1.85 17.01 23.08
C TRP B 197 -1.71 15.50 23.00
N LEU B 198 -2.04 14.91 21.84
CA LEU B 198 -1.91 13.46 21.68
C LEU B 198 -0.45 13.03 21.83
N ARG B 199 0.47 13.75 21.18
CA ARG B 199 1.88 13.38 21.24
C ARG B 199 2.42 13.50 22.66
N SER B 200 2.02 14.57 23.38
CA SER B 200 2.45 14.69 24.77
C SER B 200 1.87 13.56 25.62
N ARG B 201 0.70 13.04 25.25
CA ARG B 201 0.13 11.92 25.98
C ARG B 201 0.85 10.62 25.67
N ILE B 202 1.28 10.42 24.42
CA ILE B 202 2.09 9.25 24.09
C ILE B 202 3.42 9.29 24.83
N SER B 203 4.06 10.46 24.87
CA SER B 203 5.36 10.59 25.51
C SER B 203 5.28 10.36 27.01
N MSE B 204 4.11 10.49 27.60
CA MSE B 204 3.92 10.27 29.04
C MSE B 204 4.10 8.79 29.39
O MSE B 204 4.25 8.45 30.56
CB MSE B 204 2.54 10.77 29.45
CG MSE B 204 2.29 10.84 30.95
SE MSE B 204 0.40 10.97 31.37
CE MSE B 204 -0.14 12.16 29.91
N PHE B 205 4.09 7.94 28.38
CA PHE B 205 4.18 6.49 28.59
C PHE B 205 5.38 5.84 27.90
N ILE B 206 6.18 6.60 27.15
CA ILE B 206 7.40 6.06 26.56
C ILE B 206 8.48 7.13 26.55
N ALA C 8 13.32 -12.10 -22.44
CA ALA C 8 13.30 -12.01 -20.98
C ALA C 8 12.18 -11.10 -20.48
N VAL C 9 11.80 -11.28 -19.21
CA VAL C 9 10.77 -10.48 -18.56
C VAL C 9 11.47 -9.54 -17.59
N PHE C 10 11.48 -8.26 -17.90
CA PHE C 10 12.08 -7.25 -17.02
C PHE C 10 10.97 -6.51 -16.28
N ARG C 11 11.20 -6.28 -14.99
CA ARG C 11 10.26 -5.57 -14.13
C ARG C 11 10.97 -4.35 -13.56
N ILE C 12 10.50 -3.16 -13.92
CA ILE C 12 11.13 -1.93 -13.48
C ILE C 12 10.07 -1.00 -12.90
N GLY C 13 10.53 -0.08 -12.05
CA GLY C 13 9.68 0.94 -11.47
C GLY C 13 10.08 2.31 -11.98
N LEU C 14 9.09 3.10 -12.37
CA LEU C 14 9.33 4.45 -12.88
C LEU C 14 8.29 5.38 -12.29
N SER C 15 8.73 6.55 -11.80
CA SER C 15 7.76 7.55 -11.39
C SER C 15 7.14 8.20 -12.62
N ASP C 16 5.97 8.80 -12.42
CA ASP C 16 5.11 9.18 -13.55
C ASP C 16 5.78 10.22 -14.45
N ASP C 17 6.58 11.11 -13.89
CA ASP C 17 7.30 12.09 -14.71
C ASP C 17 8.28 11.40 -15.64
N VAL C 18 8.95 10.36 -15.15
CA VAL C 18 9.92 9.63 -15.97
C VAL C 18 9.21 8.78 -17.01
N GLU C 19 8.15 8.07 -16.60
CA GLU C 19 7.46 7.16 -17.51
C GLU C 19 6.91 7.90 -18.73
N PHE C 20 6.44 9.12 -18.53
CA PHE C 20 5.88 9.93 -19.62
C PHE C 20 6.96 10.73 -20.34
N GLY C 21 7.92 11.29 -19.60
CA GLY C 21 8.89 12.17 -20.19
C GLY C 21 10.14 11.50 -20.76
N LEU C 22 10.40 10.24 -20.41
CA LEU C 22 11.68 9.64 -20.77
C LEU C 22 11.61 8.19 -21.22
N LEU C 23 10.51 7.47 -21.00
CA LEU C 23 10.44 6.06 -21.36
C LEU C 23 10.49 5.77 -22.86
N PRO C 24 9.79 6.51 -23.72
CA PRO C 24 9.70 6.13 -25.15
C PRO C 24 11.07 5.94 -25.79
N PRO C 25 12.03 6.87 -25.62
CA PRO C 25 13.35 6.61 -26.23
C PRO C 25 14.02 5.36 -25.69
N LEU C 26 13.94 5.13 -24.38
CA LEU C 26 14.53 3.93 -23.79
C LEU C 26 13.85 2.68 -24.34
N LEU C 27 12.52 2.68 -24.41
CA LEU C 27 11.79 1.49 -24.83
C LEU C 27 12.10 1.13 -26.28
N ARG C 28 12.19 2.13 -27.17
CA ARG C 28 12.56 1.85 -28.55
C ARG C 28 13.91 1.15 -28.62
N ARG C 29 14.86 1.61 -27.82
CA ARG C 29 16.19 1.01 -27.75
C ARG C 29 16.12 -0.41 -27.19
N LEU C 30 15.40 -0.62 -26.09
CA LEU C 30 15.33 -1.94 -25.49
C LEU C 30 14.73 -2.96 -26.45
N ARG C 31 13.70 -2.56 -27.19
CA ARG C 31 13.05 -3.47 -28.13
C ARG C 31 13.99 -3.85 -29.26
N ALA C 32 14.85 -2.93 -29.67
CA ALA C 32 15.76 -3.19 -30.78
C ALA C 32 16.85 -4.18 -30.39
N GLU C 33 17.30 -4.15 -29.14
CA GLU C 33 18.41 -4.99 -28.72
C GLU C 33 17.96 -6.31 -28.10
N ALA C 34 16.75 -6.37 -27.58
CA ALA C 34 16.22 -7.57 -26.93
C ALA C 34 14.93 -7.92 -27.66
N PRO C 35 15.01 -8.74 -28.72
CA PRO C 35 13.89 -8.91 -29.65
C PRO C 35 12.55 -9.15 -28.98
N GLY C 36 12.39 -10.28 -28.29
CA GLY C 36 11.12 -10.58 -27.67
C GLY C 36 10.97 -10.08 -26.25
N ILE C 37 11.52 -8.89 -25.96
CA ILE C 37 11.55 -8.40 -24.58
C ILE C 37 10.13 -8.17 -24.07
N VAL C 38 9.87 -8.65 -22.85
CA VAL C 38 8.66 -8.32 -22.11
C VAL C 38 9.04 -7.32 -21.04
N LEU C 39 8.27 -6.24 -20.92
CA LEU C 39 8.58 -5.16 -20.00
C LEU C 39 7.38 -4.84 -19.12
N VAL C 40 7.55 -4.98 -17.82
CA VAL C 40 6.56 -4.55 -16.84
C VAL C 40 7.09 -3.30 -16.18
N VAL C 41 6.37 -2.19 -16.33
CA VAL C 41 6.69 -0.93 -15.69
C VAL C 41 5.69 -0.72 -14.57
N ARG C 42 6.18 -0.70 -13.33
CA ARG C 42 5.35 -0.41 -12.18
C ARG C 42 5.45 1.07 -11.84
N ARG C 43 4.34 1.65 -11.40
CA ARG C 43 4.38 3.03 -10.91
C ARG C 43 5.19 3.10 -9.63
N ALA C 44 6.17 3.99 -9.59
CA ALA C 44 7.05 4.11 -8.46
C ALA C 44 7.12 5.56 -8.00
N ASN C 45 7.49 5.74 -6.74
CA ASN C 45 7.94 7.01 -6.20
C ASN C 45 8.74 6.69 -4.94
N TYR C 46 9.23 7.74 -4.27
CA TYR C 46 10.08 7.50 -3.11
C TYR C 46 9.34 6.79 -1.98
N LEU C 47 8.00 6.87 -1.96
CA LEU C 47 7.22 6.16 -0.95
C LEU C 47 6.99 4.70 -1.33
N LEU C 48 6.89 4.41 -2.62
CA LEU C 48 6.60 3.06 -3.09
C LEU C 48 7.86 2.25 -3.38
N MSE C 49 8.96 2.93 -3.67
CA MSE C 49 10.22 2.29 -4.02
C MSE C 49 10.69 1.19 -3.05
O MSE C 49 11.02 0.09 -3.50
CB MSE C 49 11.32 3.36 -4.16
CG MSE C 49 12.58 2.87 -4.86
SE MSE C 49 12.20 2.16 -6.63
CE MSE C 49 11.86 3.80 -7.57
N PRO C 50 10.71 1.46 -1.74
CA PRO C 50 11.23 0.44 -0.82
C PRO C 50 10.48 -0.88 -0.88
N ASN C 51 9.14 -0.82 -0.87
CA ASN C 51 8.36 -2.07 -0.93
C ASN C 51 8.53 -2.75 -2.28
N LEU C 52 8.57 -1.98 -3.37
CA LEU C 52 8.71 -2.58 -4.70
C LEU C 52 10.04 -3.29 -4.84
N LEU C 53 11.13 -2.69 -4.34
CA LEU C 53 12.43 -3.33 -4.43
C LEU C 53 12.53 -4.52 -3.48
N ALA C 54 12.11 -4.34 -2.23
CA ALA C 54 12.26 -5.40 -1.24
C ALA C 54 11.49 -6.65 -1.61
N SER C 55 10.27 -6.49 -2.12
CA SER C 55 9.43 -7.63 -2.48
C SER C 55 9.86 -8.30 -3.77
N GLY C 56 10.73 -7.68 -4.56
CA GLY C 56 11.09 -8.22 -5.85
C GLY C 56 10.11 -7.89 -6.95
N GLU C 57 9.11 -7.05 -6.68
CA GLU C 57 8.18 -6.63 -7.73
C GLU C 57 8.91 -5.94 -8.87
N ILE C 58 10.02 -5.26 -8.57
CA ILE C 58 10.89 -4.69 -9.60
C ILE C 58 12.32 -5.05 -9.25
N SER C 59 13.17 -5.09 -10.29
CA SER C 59 14.60 -5.30 -10.10
C SER C 59 15.36 -3.99 -10.04
N VAL C 60 14.82 -2.93 -10.64
CA VAL C 60 15.46 -1.63 -10.70
C VAL C 60 14.36 -0.59 -10.84
N GLY C 61 14.59 0.57 -10.24
CA GLY C 61 13.64 1.66 -10.32
C GLY C 61 14.33 2.97 -10.57
N VAL C 62 13.60 3.89 -11.20
CA VAL C 62 14.07 5.25 -11.43
C VAL C 62 13.06 6.21 -10.84
N SER C 63 13.48 6.97 -9.84
CA SER C 63 12.61 7.88 -9.11
C SER C 63 13.50 8.66 -8.14
N TYR C 64 12.95 9.72 -7.58
CA TYR C 64 13.52 10.23 -6.35
C TYR C 64 13.47 9.12 -5.31
N THR C 65 14.54 8.96 -4.56
CA THR C 65 14.60 7.94 -3.53
C THR C 65 15.10 8.53 -2.24
N ASP C 66 14.59 8.01 -1.13
CA ASP C 66 15.09 8.33 0.19
C ASP C 66 15.30 7.03 0.94
N GLU C 67 14.22 6.50 1.51
CA GLU C 67 14.25 5.19 2.14
C GLU C 67 14.58 4.10 1.12
N LEU C 68 15.55 3.26 1.44
CA LEU C 68 15.88 2.13 0.59
C LEU C 68 16.03 0.88 1.46
N PRO C 69 15.54 -0.27 0.99
CA PRO C 69 15.59 -1.48 1.80
C PRO C 69 17.01 -2.05 1.83
N ALA C 70 17.18 -3.08 2.66
CA ALA C 70 18.48 -3.73 2.77
C ALA C 70 18.88 -4.33 1.42
N ASN C 71 20.19 -4.33 1.17
CA ASN C 71 20.81 -4.89 -0.03
C ASN C 71 20.42 -4.15 -1.31
N ALA C 72 19.96 -2.90 -1.19
CA ALA C 72 19.65 -2.09 -2.35
C ALA C 72 20.80 -1.14 -2.65
N LYS C 73 21.12 -0.98 -3.93
CA LYS C 73 22.15 -0.06 -4.39
C LYS C 73 21.48 1.14 -5.06
N ARG C 74 22.20 2.26 -5.08
CA ARG C 74 21.63 3.50 -5.58
C ARG C 74 22.72 4.37 -6.17
N LYS C 75 22.36 5.14 -7.19
CA LYS C 75 23.24 6.18 -7.71
C LYS C 75 22.37 7.23 -8.39
N THR C 76 22.79 8.50 -8.28
CA THR C 76 22.05 9.57 -8.92
C THR C 76 22.31 9.55 -10.42
N VAL C 77 21.23 9.68 -11.21
CA VAL C 77 21.34 9.64 -12.66
C VAL C 77 20.93 10.94 -13.32
N ARG C 78 20.27 11.86 -12.61
CA ARG C 78 19.82 13.10 -13.22
C ARG C 78 19.37 14.11 -12.16
N ARG C 79 19.79 15.36 -12.32
CA ARG C 79 19.24 16.47 -11.58
C ARG C 79 18.59 17.41 -12.59
N SER C 80 17.37 17.85 -12.29
CA SER C 80 16.53 18.52 -13.28
C SER C 80 16.02 19.84 -12.72
N LYS C 81 16.15 20.91 -13.51
CA LYS C 81 15.60 22.18 -13.08
C LYS C 81 14.08 22.14 -13.20
N PRO C 82 13.38 22.84 -12.32
CA PRO C 82 11.92 22.91 -12.43
C PRO C 82 11.47 23.80 -13.57
N LYS C 83 10.30 23.48 -14.11
CA LYS C 83 9.64 24.34 -15.07
C LYS C 83 8.21 24.58 -14.59
N ILE C 84 7.70 25.77 -14.88
CA ILE C 84 6.32 26.13 -14.55
C ILE C 84 5.45 25.90 -15.78
N LEU C 85 4.25 25.37 -15.56
CA LEU C 85 3.32 25.09 -16.62
C LEU C 85 2.10 25.99 -16.48
N ARG C 86 1.68 26.62 -17.58
CA ARG C 86 0.50 27.47 -17.60
C ARG C 86 -0.28 27.22 -18.87
N ALA C 87 -1.59 27.51 -18.81
CA ALA C 87 -2.48 27.30 -19.95
C ALA C 87 -3.03 28.58 -20.55
N ASP C 88 -2.99 29.70 -19.82
CA ASP C 88 -3.45 30.96 -20.37
C ASP C 88 -2.51 31.44 -21.46
N SER C 89 -2.95 32.46 -22.22
CA SER C 89 -2.16 32.99 -23.32
C SER C 89 -1.78 34.46 -23.10
N ALA C 90 -1.87 34.94 -21.86
CA ALA C 90 -1.41 36.30 -21.58
C ALA C 90 0.08 36.42 -21.91
N PRO C 91 0.51 37.52 -22.50
CA PRO C 91 1.90 37.63 -22.93
C PRO C 91 2.84 37.82 -21.75
N GLY C 92 4.11 37.51 -22.01
CA GLY C 92 5.15 37.68 -21.02
C GLY C 92 5.25 36.51 -20.06
N GLN C 93 6.40 36.44 -19.39
CA GLN C 93 6.64 35.41 -18.39
C GLN C 93 5.86 35.72 -17.12
N LEU C 94 5.60 34.66 -16.35
CA LEU C 94 5.02 34.83 -15.02
C LEU C 94 5.98 35.61 -14.14
N THR C 95 5.46 36.65 -13.49
CA THR C 95 6.22 37.31 -12.45
C THR C 95 6.12 36.50 -11.15
N LEU C 96 6.94 36.89 -10.17
CA LEU C 96 6.87 36.23 -8.87
C LEU C 96 5.48 36.42 -8.25
N ASP C 97 4.93 37.63 -8.34
CA ASP C 97 3.63 37.90 -7.73
C ASP C 97 2.51 37.14 -8.44
N ASP C 98 2.66 36.90 -9.75
CA ASP C 98 1.70 36.05 -10.44
C ASP C 98 1.78 34.61 -9.92
N TYR C 99 2.99 34.13 -9.63
CA TYR C 99 3.15 32.77 -9.16
C TYR C 99 2.52 32.57 -7.78
N CYS C 100 2.68 33.53 -6.88
CA CYS C 100 2.13 33.38 -5.54
C CYS C 100 0.65 33.73 -5.45
N ALA C 101 0.08 34.38 -6.47
CA ALA C 101 -1.34 34.70 -6.48
C ALA C 101 -2.18 33.68 -7.24
N ARG C 102 -1.62 33.04 -8.26
CA ARG C 102 -2.36 32.07 -9.04
C ARG C 102 -2.53 30.78 -8.25
N PRO C 103 -3.56 29.99 -8.57
CA PRO C 103 -3.73 28.70 -7.91
C PRO C 103 -2.79 27.66 -8.51
N HIS C 104 -2.49 26.64 -7.71
CA HIS C 104 -1.49 25.65 -8.08
C HIS C 104 -2.06 24.23 -8.02
N ALA C 105 -1.58 23.39 -8.92
CA ALA C 105 -1.89 21.97 -8.93
C ALA C 105 -0.63 21.16 -8.60
N LEU C 106 -0.78 20.16 -7.76
CA LEU C 106 0.29 19.22 -7.45
C LEU C 106 0.03 17.91 -8.18
N VAL C 107 1.10 17.27 -8.64
CA VAL C 107 1.02 15.93 -9.22
C VAL C 107 1.42 14.94 -8.13
N SER C 108 0.47 14.09 -7.74
CA SER C 108 0.58 13.08 -6.68
C SER C 108 0.53 13.70 -5.29
N PHE C 109 -0.61 13.56 -4.62
CA PHE C 109 -0.81 14.15 -3.31
C PHE C 109 0.21 13.63 -2.30
N ALA C 110 0.48 12.32 -2.31
CA ALA C 110 1.42 11.76 -1.35
C ALA C 110 2.87 11.95 -1.78
N GLY C 111 3.16 11.72 -3.06
CA GLY C 111 4.53 11.74 -3.54
C GLY C 111 5.06 13.07 -4.02
N ASP C 112 4.33 14.17 -3.78
CA ASP C 112 4.74 15.48 -4.27
C ASP C 112 6.13 15.86 -3.76
N LEU C 113 7.00 16.26 -4.68
CA LEU C 113 8.36 16.63 -4.36
C LEU C 113 8.62 18.13 -4.37
N SER C 114 7.67 18.92 -4.89
CA SER C 114 7.83 20.36 -5.03
C SER C 114 7.76 21.12 -3.71
N GLY C 115 7.79 20.43 -2.57
CA GLY C 115 7.75 21.11 -1.28
C GLY C 115 8.86 22.12 -1.08
N PHE C 116 9.97 21.99 -1.81
CA PHE C 116 11.04 22.97 -1.69
C PHE C 116 10.62 24.33 -2.23
N VAL C 117 9.62 24.39 -3.12
CA VAL C 117 9.10 25.67 -3.56
C VAL C 117 8.43 26.40 -2.39
N ASP C 118 7.60 25.68 -1.64
CA ASP C 118 7.00 26.27 -0.44
C ASP C 118 8.08 26.68 0.55
N GLU C 119 9.14 25.89 0.66
CA GLU C 119 10.23 26.22 1.59
C GLU C 119 10.96 27.48 1.15
N GLU C 120 11.14 27.68 -0.16
CA GLU C 120 11.85 28.87 -0.62
C GLU C 120 10.98 30.11 -0.49
N LEU C 121 9.68 29.99 -0.76
CA LEU C 121 8.79 31.15 -0.69
C LEU C 121 8.63 31.64 0.75
N GLU C 122 8.58 30.72 1.72
CA GLU C 122 8.38 31.13 3.10
C GLU C 122 9.57 31.88 3.68
N LYS C 123 10.77 31.69 3.11
CA LYS C 123 11.91 32.47 3.53
C LYS C 123 11.68 33.96 3.32
N PHE C 124 10.89 34.32 2.31
CA PHE C 124 10.56 35.71 2.02
C PHE C 124 9.14 36.07 2.44
N GLY C 125 8.49 35.23 3.23
CA GLY C 125 7.14 35.49 3.68
C GLY C 125 6.06 35.26 2.65
N ARG C 126 6.36 34.58 1.55
CA ARG C 126 5.40 34.32 0.49
C ARG C 126 4.88 32.89 0.58
N LYS C 127 3.76 32.66 -0.09
CA LYS C 127 3.14 31.34 -0.09
C LYS C 127 2.35 31.17 -1.39
N ARG C 128 2.05 29.92 -1.71
CA ARG C 128 1.21 29.57 -2.84
C ARG C 128 0.03 28.73 -2.36
N LYS C 129 -1.11 28.91 -3.01
CA LYS C 129 -2.33 28.20 -2.65
C LYS C 129 -2.53 27.03 -3.61
N VAL C 130 -2.54 25.82 -3.07
CA VAL C 130 -2.81 24.61 -3.84
C VAL C 130 -4.31 24.36 -3.84
N VAL C 131 -4.89 24.23 -5.03
CA VAL C 131 -6.33 23.95 -5.16
C VAL C 131 -6.61 22.58 -5.75
N LEU C 132 -5.60 21.88 -6.25
CA LEU C 132 -5.83 20.63 -6.97
C LEU C 132 -4.62 19.73 -6.78
N ALA C 133 -4.90 18.43 -6.67
CA ALA C 133 -3.85 17.42 -6.65
C ALA C 133 -4.33 16.22 -7.45
N VAL C 134 -3.53 15.78 -8.42
CA VAL C 134 -3.86 14.64 -9.26
C VAL C 134 -2.69 13.67 -9.21
N PRO C 135 -2.90 12.35 -9.34
CA PRO C 135 -1.82 11.41 -9.06
C PRO C 135 -0.78 11.34 -10.19
N GLN C 136 -1.24 11.44 -11.43
CA GLN C 136 -0.39 11.26 -12.60
C GLN C 136 -0.62 12.39 -13.59
N PHE C 137 0.19 12.39 -14.64
CA PHE C 137 0.14 13.44 -15.66
C PHE C 137 -0.95 13.23 -16.69
N ASN C 138 -1.87 12.28 -16.45
CA ASN C 138 -2.93 11.94 -17.40
C ASN C 138 -3.76 13.16 -17.79
N GLY C 139 -3.65 13.58 -19.04
CA GLY C 139 -4.46 14.70 -19.53
C GLY C 139 -4.32 15.95 -18.70
N LEU C 140 -3.11 16.26 -18.25
CA LEU C 140 -2.92 17.44 -17.40
C LEU C 140 -3.27 18.72 -18.13
N GLY C 141 -3.02 18.77 -19.44
CA GLY C 141 -3.35 19.97 -20.20
C GLY C 141 -4.84 20.21 -20.30
N THR C 142 -5.63 19.14 -20.42
CA THR C 142 -7.08 19.29 -20.43
C THR C 142 -7.60 19.72 -19.07
N LEU C 143 -6.95 19.30 -17.99
CA LEU C 143 -7.37 19.71 -16.66
C LEU C 143 -7.13 21.20 -16.44
N LEU C 144 -6.01 21.73 -16.94
CA LEU C 144 -5.66 23.12 -16.74
C LEU C 144 -6.26 24.06 -17.78
N ALA C 145 -6.87 23.52 -18.84
CA ALA C 145 -7.39 24.36 -19.91
C ALA C 145 -8.50 25.27 -19.40
N GLY C 146 -8.44 26.54 -19.78
CA GLY C 146 -9.42 27.50 -19.32
C GLY C 146 -9.25 27.95 -17.90
N THR C 147 -8.13 27.63 -17.27
CA THR C 147 -7.85 28.02 -15.89
C THR C 147 -6.55 28.81 -15.84
N ASP C 148 -6.34 29.48 -14.71
CA ASP C 148 -5.06 30.08 -14.39
C ASP C 148 -4.23 29.20 -13.46
N ILE C 149 -4.65 27.95 -13.27
CA ILE C 149 -3.89 27.03 -12.43
C ILE C 149 -2.53 26.76 -13.07
N ILE C 150 -1.49 26.71 -12.24
CA ILE C 150 -0.15 26.43 -12.70
C ILE C 150 0.42 25.24 -11.94
N ALA C 151 1.38 24.57 -12.55
CA ALA C 151 2.04 23.42 -11.96
C ALA C 151 3.55 23.59 -12.08
N THR C 152 4.27 22.91 -11.18
CA THR C 152 5.72 22.97 -11.11
C THR C 152 6.25 21.54 -11.24
N VAL C 153 6.93 21.26 -12.35
CA VAL C 153 7.32 19.89 -12.70
C VAL C 153 8.77 19.88 -13.16
N PRO C 154 9.39 18.70 -13.19
CA PRO C 154 10.73 18.59 -13.77
C PRO C 154 10.71 18.93 -15.26
N ASP C 155 11.87 19.40 -15.76
CA ASP C 155 11.90 19.96 -17.10
C ASP C 155 11.59 18.92 -18.17
N TYR C 156 12.05 17.67 -17.98
CA TYR C 156 11.72 16.64 -18.97
C TYR C 156 10.23 16.35 -18.99
N ALA C 157 9.56 16.47 -17.85
CA ALA C 157 8.10 16.32 -17.84
C ALA C 157 7.43 17.50 -18.53
N ALA C 158 7.98 18.71 -18.35
CA ALA C 158 7.42 19.88 -19.01
C ALA C 158 7.55 19.76 -20.52
N GLN C 159 8.75 19.40 -21.00
CA GLN C 159 8.97 19.30 -22.45
C GLN C 159 8.04 18.29 -23.10
N ALA C 160 7.66 17.24 -22.38
CA ALA C 160 6.72 16.27 -22.93
C ALA C 160 5.28 16.76 -22.87
N LEU C 161 4.93 17.51 -21.84
CA LEU C 161 3.57 18.00 -21.70
C LEU C 161 3.27 19.14 -22.65
N ILE C 162 4.28 19.96 -22.97
CA ILE C 162 4.10 21.02 -23.96
C ILE C 162 3.71 20.41 -25.31
N ALA C 163 4.31 19.27 -25.63
CA ALA C 163 3.98 18.59 -26.89
C ALA C 163 2.52 18.16 -26.91
N ALA C 164 1.98 17.73 -25.76
CA ALA C 164 0.58 17.32 -25.69
C ALA C 164 -0.38 18.46 -26.02
N GLY C 165 0.09 19.69 -26.06
CA GLY C 165 -0.69 20.80 -26.57
C GLY C 165 -1.37 21.59 -25.48
N GLY C 166 -1.58 22.87 -25.75
CA GLY C 166 -2.32 23.74 -24.85
C GLY C 166 -1.61 24.08 -23.55
N LEU C 167 -0.29 24.15 -23.56
CA LEU C 167 0.45 24.47 -22.35
C LEU C 167 1.70 25.26 -22.71
N ARG C 168 2.13 26.10 -21.77
CA ARG C 168 3.38 26.85 -21.88
C ARG C 168 4.28 26.48 -20.71
N ALA C 169 5.58 26.41 -20.97
CA ALA C 169 6.57 26.06 -19.96
C ALA C 169 7.59 27.17 -19.83
N GLU C 170 7.91 27.56 -18.61
CA GLU C 170 8.95 28.56 -18.37
C GLU C 170 9.71 28.21 -17.10
N ASP C 171 10.88 28.82 -16.97
CA ASP C 171 11.63 28.73 -15.72
C ASP C 171 10.85 29.43 -14.61
N PRO C 172 11.02 28.98 -13.37
CA PRO C 172 10.32 29.63 -12.27
C PRO C 172 10.77 31.07 -12.13
N PRO C 173 9.90 31.96 -11.64
CA PRO C 173 10.28 33.36 -11.48
C PRO C 173 11.22 33.60 -10.30
N PHE C 174 11.81 32.53 -9.77
CA PHE C 174 12.74 32.64 -8.66
C PHE C 174 13.61 31.38 -8.63
N GLU C 175 14.68 31.45 -7.86
CA GLU C 175 15.62 30.34 -7.75
C GLU C 175 15.09 29.28 -6.79
N THR C 176 15.24 28.02 -7.17
CA THR C 176 14.78 26.89 -6.37
C THR C 176 15.85 25.81 -6.38
N ARG C 177 15.61 24.75 -5.62
CA ARG C 177 16.39 23.54 -5.73
C ARG C 177 16.01 22.79 -7.01
N ALA C 178 16.85 21.83 -7.38
CA ALA C 178 16.59 20.98 -8.53
C ALA C 178 15.94 19.67 -8.09
N PHE C 179 15.20 19.06 -9.00
CA PHE C 179 14.68 17.70 -8.77
C PHE C 179 15.82 16.69 -8.88
N GLU C 180 15.76 15.65 -8.06
CA GLU C 180 16.78 14.62 -8.02
C GLU C 180 16.19 13.28 -8.46
N LEU C 181 16.86 12.61 -9.38
CA LEU C 181 16.46 11.28 -9.86
C LEU C 181 17.57 10.30 -9.53
N SER C 182 17.21 9.21 -8.87
CA SER C 182 18.15 8.13 -8.59
C SER C 182 17.74 6.88 -9.36
N MSE C 183 18.73 6.04 -9.66
CA MSE C 183 18.46 4.68 -10.06
C MSE C 183 18.80 3.77 -8.89
O MSE C 183 19.90 3.84 -8.36
CB MSE C 183 19.27 4.29 -11.30
CG MSE C 183 18.92 2.91 -11.82
SE MSE C 183 19.93 2.41 -13.40
CE MSE C 183 21.72 2.50 -12.64
N ALA C 184 17.85 2.93 -8.49
CA ALA C 184 18.03 2.05 -7.34
C ALA C 184 17.68 0.63 -7.74
N TRP C 185 18.52 -0.31 -7.31
CA TRP C 185 18.33 -1.70 -7.71
C TRP C 185 18.71 -2.62 -6.57
N ARG C 186 18.28 -3.87 -6.68
CA ARG C 186 18.56 -4.87 -5.66
C ARG C 186 19.97 -5.41 -5.84
N GLY C 187 20.74 -5.45 -4.75
CA GLY C 187 22.09 -5.98 -4.80
C GLY C 187 22.16 -7.43 -5.22
N ALA C 188 21.07 -8.18 -5.03
CA ALA C 188 21.03 -9.56 -5.50
C ALA C 188 21.16 -9.64 -7.01
N GLN C 189 20.68 -8.62 -7.73
CA GLN C 189 20.77 -8.57 -9.18
C GLN C 189 21.98 -7.77 -9.66
N ASP C 190 22.97 -7.56 -8.78
CA ASP C 190 24.07 -6.66 -9.10
C ASP C 190 24.91 -7.19 -10.26
N ASN C 191 25.28 -8.47 -10.21
CA ASN C 191 26.17 -9.06 -11.20
C ASN C 191 25.43 -9.84 -12.27
N ASP C 192 24.10 -9.79 -12.29
CA ASP C 192 23.32 -10.44 -13.34
C ASP C 192 23.60 -9.73 -14.67
N PRO C 193 24.13 -10.42 -15.68
CA PRO C 193 24.44 -9.74 -16.94
C PRO C 193 23.22 -9.15 -17.64
N ALA C 194 22.05 -9.80 -17.54
CA ALA C 194 20.85 -9.22 -18.13
C ALA C 194 20.43 -7.96 -17.37
N GLU C 195 20.54 -7.98 -16.04
CA GLU C 195 20.18 -6.79 -15.26
C GLU C 195 21.20 -5.69 -15.43
N ARG C 196 22.48 -6.04 -15.57
CA ARG C 196 23.50 -5.03 -15.83
C ARG C 196 23.29 -4.38 -17.19
N TRP C 197 22.85 -5.16 -18.17
CA TRP C 197 22.53 -4.59 -19.47
C TRP C 197 21.39 -3.59 -19.37
N LEU C 198 20.33 -3.96 -18.65
CA LEU C 198 19.18 -3.06 -18.52
C LEU C 198 19.56 -1.78 -17.78
N ARG C 199 20.26 -1.91 -16.66
CA ARG C 199 20.65 -0.72 -15.89
C ARG C 199 21.56 0.20 -16.70
N SER C 200 22.39 -0.37 -17.58
CA SER C 200 23.24 0.45 -18.42
C SER C 200 22.41 1.25 -19.43
N ARG C 201 21.41 0.62 -20.03
CA ARG C 201 20.54 1.34 -20.97
C ARG C 201 19.71 2.39 -20.24
N ILE C 202 19.29 2.10 -19.01
CA ILE C 202 18.53 3.07 -18.23
C ILE C 202 19.38 4.29 -17.93
N SER C 203 20.62 4.09 -17.48
CA SER C 203 21.51 5.20 -17.21
C SER C 203 21.76 6.02 -18.48
N MSE C 204 21.90 5.35 -19.61
CA MSE C 204 22.20 6.00 -20.88
C MSE C 204 21.10 6.94 -21.36
O MSE C 204 21.38 8.00 -21.92
CB MSE C 204 22.48 4.95 -21.95
CG MSE C 204 23.41 5.42 -23.06
SE MSE C 204 23.50 4.18 -24.55
CE MSE C 204 23.64 2.51 -23.55
N PHE C 205 19.85 6.55 -21.16
CA PHE C 205 18.72 7.27 -21.75
C PHE C 205 17.82 7.95 -20.71
N ILE C 206 18.13 7.83 -19.44
CA ILE C 206 17.34 8.50 -18.41
C ILE C 206 18.24 9.35 -17.51
N ALA D 8 -12.39 24.02 2.15
CA ALA D 8 -12.75 22.63 2.40
C ALA D 8 -12.09 21.71 1.38
N VAL D 9 -11.39 20.68 1.88
CA VAL D 9 -10.68 19.74 1.03
C VAL D 9 -11.54 18.50 0.86
N PHE D 10 -11.88 18.18 -0.39
CA PHE D 10 -12.50 16.91 -0.73
C PHE D 10 -11.42 15.96 -1.24
N ARG D 11 -11.45 14.72 -0.74
CA ARG D 11 -10.47 13.72 -1.10
C ARG D 11 -11.19 12.54 -1.75
N ILE D 12 -10.97 12.35 -3.05
CA ILE D 12 -11.63 11.28 -3.80
C ILE D 12 -10.57 10.39 -4.42
N GLY D 13 -10.96 9.14 -4.68
CA GLY D 13 -10.12 8.19 -5.38
C GLY D 13 -10.75 7.88 -6.74
N LEU D 14 -9.91 7.92 -7.77
CA LEU D 14 -10.33 7.55 -9.11
C LEU D 14 -9.35 6.54 -9.68
N SER D 15 -9.88 5.51 -10.34
CA SER D 15 -9.02 4.64 -11.11
C SER D 15 -8.46 5.39 -12.31
N ASP D 16 -7.37 4.85 -12.87
CA ASP D 16 -6.62 5.57 -13.90
C ASP D 16 -7.49 5.90 -15.11
N ASP D 17 -8.28 4.93 -15.58
CA ASP D 17 -9.13 5.17 -16.74
C ASP D 17 -10.13 6.28 -16.47
N VAL D 18 -10.67 6.34 -15.24
CA VAL D 18 -11.64 7.37 -14.90
C VAL D 18 -10.96 8.73 -14.80
N GLU D 19 -9.83 8.79 -14.10
CA GLU D 19 -9.09 10.04 -13.99
C GLU D 19 -8.70 10.59 -15.36
N PHE D 20 -8.32 9.70 -16.28
CA PHE D 20 -7.89 10.12 -17.60
C PHE D 20 -9.07 10.59 -18.44
N GLY D 21 -10.11 9.78 -18.53
CA GLY D 21 -11.17 10.04 -19.50
C GLY D 21 -12.36 10.82 -19.02
N LEU D 22 -12.54 11.00 -17.70
CA LEU D 22 -13.79 11.54 -17.18
C LEU D 22 -13.64 12.67 -16.17
N LEU D 23 -12.44 12.93 -15.65
CA LEU D 23 -12.25 13.95 -14.63
C LEU D 23 -12.45 15.39 -15.13
N PRO D 24 -11.95 15.77 -16.32
CA PRO D 24 -12.02 17.20 -16.73
C PRO D 24 -13.43 17.77 -16.65
N PRO D 25 -14.48 17.07 -17.15
CA PRO D 25 -15.82 17.65 -16.99
C PRO D 25 -16.22 17.85 -15.54
N LEU D 26 -15.85 16.92 -14.67
CA LEU D 26 -16.19 17.06 -13.25
C LEU D 26 -15.42 18.21 -12.61
N LEU D 27 -14.12 18.34 -12.92
CA LEU D 27 -13.36 19.49 -12.43
C LEU D 27 -13.95 20.79 -12.93
N ARG D 28 -14.38 20.82 -14.20
CA ARG D 28 -14.98 22.01 -14.77
C ARG D 28 -16.18 22.47 -13.95
N ARG D 29 -17.05 21.53 -13.58
CA ARG D 29 -18.27 21.91 -12.88
C ARG D 29 -18.02 22.21 -11.40
N LEU D 30 -17.10 21.47 -10.78
CA LEU D 30 -16.77 21.73 -9.38
C LEU D 30 -16.17 23.12 -9.21
N ARG D 31 -15.47 23.62 -10.22
CA ARG D 31 -14.88 24.95 -10.13
C ARG D 31 -15.94 26.04 -10.21
N ALA D 32 -16.78 26.01 -11.25
CA ALA D 32 -17.81 27.03 -11.41
C ALA D 32 -18.81 26.97 -10.27
N GLU D 33 -19.23 25.77 -9.88
CA GLU D 33 -20.23 25.63 -8.83
C GLU D 33 -19.67 25.90 -7.44
N ALA D 34 -18.40 25.57 -7.21
CA ALA D 34 -17.75 25.79 -5.92
C ALA D 34 -16.35 26.34 -6.17
N PRO D 35 -16.17 27.66 -6.11
CA PRO D 35 -14.89 28.23 -6.55
C PRO D 35 -13.74 28.00 -5.57
N GLY D 36 -14.02 27.89 -4.27
CA GLY D 36 -12.95 27.86 -3.30
C GLY D 36 -12.77 26.56 -2.55
N ILE D 37 -12.93 25.43 -3.23
CA ILE D 37 -12.71 24.13 -2.63
C ILE D 37 -11.44 23.52 -3.19
N VAL D 38 -10.77 22.73 -2.36
CA VAL D 38 -9.56 22.03 -2.74
C VAL D 38 -9.93 20.58 -3.05
N LEU D 39 -9.56 20.11 -4.23
CA LEU D 39 -9.87 18.75 -4.66
C LEU D 39 -8.58 17.95 -4.71
N VAL D 40 -8.50 16.91 -3.89
CA VAL D 40 -7.41 15.95 -3.90
C VAL D 40 -7.94 14.66 -4.51
N VAL D 41 -7.38 14.25 -5.64
CA VAL D 41 -7.70 12.96 -6.23
C VAL D 41 -6.51 12.03 -6.02
N ARG D 42 -6.78 10.84 -5.51
CA ARG D 42 -5.77 9.83 -5.25
C ARG D 42 -5.92 8.71 -6.28
N ARG D 43 -4.79 8.12 -6.66
CA ARG D 43 -4.81 6.99 -7.57
C ARG D 43 -5.44 5.80 -6.87
N ALA D 44 -6.58 5.31 -7.40
CA ALA D 44 -7.35 4.26 -6.74
C ALA D 44 -7.88 3.28 -7.79
N ASN D 45 -6.99 2.44 -8.30
CA ASN D 45 -7.42 1.37 -9.18
C ASN D 45 -8.23 0.35 -8.38
N TYR D 46 -8.95 -0.52 -9.11
CA TYR D 46 -10.11 -1.18 -8.52
C TYR D 46 -9.75 -2.10 -7.37
N LEU D 47 -8.55 -2.66 -7.34
CA LEU D 47 -8.18 -3.50 -6.21
C LEU D 47 -7.65 -2.69 -5.03
N LEU D 48 -7.04 -1.54 -5.29
CA LEU D 48 -6.49 -0.72 -4.22
C LEU D 48 -7.53 0.19 -3.60
N MSE D 49 -8.53 0.60 -4.36
CA MSE D 49 -9.53 1.58 -3.92
C MSE D 49 -10.16 1.32 -2.53
O MSE D 49 -10.28 2.24 -1.74
CB MSE D 49 -10.63 1.72 -4.97
CG MSE D 49 -11.52 2.93 -4.78
SE MSE D 49 -13.08 2.53 -3.69
CE MSE D 49 -14.31 1.99 -5.11
N PRO D 50 -10.57 0.07 -2.23
CA PRO D 50 -11.17 -0.18 -0.91
C PRO D 50 -10.25 0.16 0.25
N ASN D 51 -8.93 -0.04 0.10
CA ASN D 51 -8.01 0.30 1.18
C ASN D 51 -8.03 1.79 1.49
N LEU D 52 -8.09 2.61 0.44
CA LEU D 52 -8.14 4.06 0.63
C LEU D 52 -9.46 4.48 1.25
N LEU D 53 -10.55 3.81 0.88
CA LEU D 53 -11.86 4.09 1.48
C LEU D 53 -11.87 3.72 2.95
N ALA D 54 -11.33 2.55 3.30
CA ALA D 54 -11.34 2.11 4.70
C ALA D 54 -10.42 2.97 5.55
N SER D 55 -9.27 3.36 5.02
CA SER D 55 -8.32 4.16 5.79
C SER D 55 -8.79 5.59 6.02
N GLY D 56 -9.72 6.08 5.19
CA GLY D 56 -10.12 7.48 5.25
C GLY D 56 -9.33 8.41 4.37
N GLU D 57 -8.36 7.89 3.59
CA GLU D 57 -7.61 8.75 2.68
C GLU D 57 -8.50 9.36 1.62
N ILE D 58 -9.61 8.72 1.29
CA ILE D 58 -10.61 9.26 0.40
C ILE D 58 -11.98 9.15 1.06
N SER D 59 -12.90 10.00 0.61
CA SER D 59 -14.28 9.95 1.06
C SER D 59 -15.19 9.24 0.07
N VAL D 60 -14.81 9.23 -1.21
CA VAL D 60 -15.58 8.62 -2.28
C VAL D 60 -14.59 7.97 -3.24
N GLY D 61 -14.92 6.78 -3.70
CA GLY D 61 -14.12 6.08 -4.71
C GLY D 61 -14.94 5.81 -5.95
N VAL D 62 -14.31 5.96 -7.11
CA VAL D 62 -14.94 5.67 -8.39
C VAL D 62 -14.05 4.69 -9.13
N SER D 63 -14.52 3.45 -9.29
CA SER D 63 -13.81 2.37 -9.97
C SER D 63 -14.77 1.20 -10.08
N TYR D 64 -14.30 0.11 -10.70
CA TYR D 64 -15.07 -1.12 -10.86
C TYR D 64 -14.82 -2.00 -9.65
N THR D 65 -15.66 -1.89 -8.63
CA THR D 65 -15.51 -2.67 -7.41
C THR D 65 -16.80 -3.42 -7.10
N ASP D 66 -16.67 -4.72 -6.84
CA ASP D 66 -17.82 -5.56 -6.44
C ASP D 66 -17.90 -5.63 -4.92
N GLU D 67 -16.90 -6.24 -4.29
CA GLU D 67 -16.87 -6.38 -2.84
C GLU D 67 -16.20 -5.16 -2.23
N LEU D 68 -16.84 -4.60 -1.20
CA LEU D 68 -16.44 -3.33 -0.60
C LEU D 68 -16.05 -3.53 0.85
N PRO D 69 -15.41 -2.53 1.49
CA PRO D 69 -15.18 -2.62 2.93
C PRO D 69 -16.50 -2.75 3.69
N ALA D 70 -16.39 -3.22 4.93
CA ALA D 70 -17.57 -3.38 5.77
C ALA D 70 -18.31 -2.07 5.91
N ASN D 71 -19.63 -2.12 5.75
CA ASN D 71 -20.55 -0.99 5.92
C ASN D 71 -20.36 0.09 4.87
N ALA D 72 -19.66 -0.20 3.78
CA ALA D 72 -19.57 0.73 2.67
C ALA D 72 -20.78 0.59 1.76
N LYS D 73 -21.09 1.66 1.04
CA LYS D 73 -22.20 1.71 0.10
C LYS D 73 -21.66 1.93 -1.30
N ARG D 74 -22.48 1.57 -2.29
CA ARG D 74 -22.07 1.77 -3.67
C ARG D 74 -23.30 2.01 -4.54
N LYS D 75 -23.06 2.66 -5.67
CA LYS D 75 -24.09 2.91 -6.67
C LYS D 75 -23.42 2.92 -8.04
N THR D 76 -24.05 2.26 -9.00
CA THR D 76 -23.55 2.25 -10.37
C THR D 76 -23.84 3.60 -11.00
N VAL D 77 -22.80 4.27 -11.49
CA VAL D 77 -22.96 5.59 -12.10
C VAL D 77 -22.79 5.56 -13.61
N ARG D 78 -22.24 4.48 -14.17
CA ARG D 78 -21.97 4.42 -15.59
C ARG D 78 -21.69 2.97 -15.98
N ARG D 79 -22.04 2.64 -17.22
CA ARG D 79 -21.70 1.37 -17.84
C ARG D 79 -20.90 1.65 -19.10
N SER D 80 -19.81 0.91 -19.30
CA SER D 80 -18.93 1.17 -20.42
C SER D 80 -18.51 -0.13 -21.08
N LYS D 81 -18.34 -0.07 -22.36
CA LYS D 81 -17.89 -1.15 -23.22
C LYS D 81 -16.42 -0.96 -23.58
N PRO D 82 -15.66 -2.05 -23.72
CA PRO D 82 -14.25 -1.92 -24.05
C PRO D 82 -14.04 -1.61 -25.52
N LYS D 83 -12.94 -0.93 -25.80
CA LYS D 83 -12.50 -0.65 -27.16
C LYS D 83 -11.06 -1.13 -27.32
N ILE D 84 -10.73 -1.59 -28.52
CA ILE D 84 -9.38 -2.02 -28.85
C ILE D 84 -8.68 -0.87 -29.56
N LEU D 85 -7.45 -0.59 -29.17
CA LEU D 85 -6.64 0.44 -29.79
C LEU D 85 -5.46 -0.21 -30.52
N ARG D 86 -5.20 0.27 -31.74
CA ARG D 86 -4.13 -0.25 -32.56
C ARG D 86 -3.42 0.90 -33.25
N ALA D 87 -2.18 0.66 -33.67
CA ALA D 87 -1.38 1.68 -34.32
C ALA D 87 -0.87 1.26 -35.70
N ASP D 88 -1.26 0.08 -36.18
CA ASP D 88 -0.82 -0.42 -37.47
C ASP D 88 -1.63 0.20 -38.60
N SER D 89 -1.20 -0.08 -39.84
CA SER D 89 -1.85 0.45 -41.02
C SER D 89 -2.59 -0.61 -41.82
N ALA D 90 -2.77 -1.80 -41.28
CA ALA D 90 -3.48 -2.85 -42.01
C ALA D 90 -4.96 -2.54 -42.09
N PRO D 91 -5.59 -2.68 -43.26
CA PRO D 91 -6.99 -2.30 -43.40
C PRO D 91 -7.92 -3.33 -42.76
N GLY D 92 -9.13 -2.86 -42.46
CA GLY D 92 -10.18 -3.72 -41.92
C GLY D 92 -10.09 -3.86 -40.41
N GLN D 93 -11.17 -4.39 -39.84
CA GLN D 93 -11.23 -4.65 -38.42
C GLN D 93 -10.43 -5.91 -38.08
N LEU D 94 -9.98 -5.97 -36.83
CA LEU D 94 -9.28 -7.16 -36.37
C LEU D 94 -10.24 -8.33 -36.29
N THR D 95 -9.75 -9.52 -36.66
CA THR D 95 -10.49 -10.74 -36.39
C THR D 95 -10.12 -11.27 -35.00
N LEU D 96 -10.89 -12.25 -34.53
CA LEU D 96 -10.55 -12.91 -33.29
C LEU D 96 -9.14 -13.52 -33.35
N ASP D 97 -8.79 -14.11 -34.49
CA ASP D 97 -7.45 -14.68 -34.64
C ASP D 97 -6.37 -13.62 -34.58
N ASP D 98 -6.57 -12.49 -35.27
CA ASP D 98 -5.60 -11.39 -35.21
C ASP D 98 -5.40 -10.94 -33.77
N TYR D 99 -6.49 -10.77 -33.03
CA TYR D 99 -6.41 -10.32 -31.65
C TYR D 99 -5.57 -11.26 -30.81
N CYS D 100 -5.77 -12.57 -30.97
CA CYS D 100 -5.07 -13.55 -30.15
C CYS D 100 -3.62 -13.76 -30.58
N ALA D 101 -3.26 -13.34 -31.80
CA ALA D 101 -1.91 -13.52 -32.29
C ALA D 101 -1.02 -12.32 -32.07
N ARG D 102 -1.59 -11.14 -31.94
CA ARG D 102 -0.78 -9.94 -31.82
C ARG D 102 -0.44 -9.67 -30.36
N PRO D 103 0.66 -8.97 -30.10
CA PRO D 103 1.04 -8.68 -28.71
C PRO D 103 0.18 -7.58 -28.12
N HIS D 104 0.10 -7.58 -26.79
CA HIS D 104 -0.79 -6.67 -26.07
C HIS D 104 -0.02 -5.84 -25.05
N ALA D 105 -0.59 -4.67 -24.75
CA ALA D 105 -0.11 -3.80 -23.68
C ALA D 105 -1.22 -3.61 -22.65
N LEU D 106 -0.83 -3.59 -21.38
CA LEU D 106 -1.70 -3.27 -20.26
C LEU D 106 -1.36 -1.87 -19.73
N VAL D 107 -2.35 -1.19 -19.17
CA VAL D 107 -2.17 0.16 -18.66
C VAL D 107 -2.19 0.24 -17.13
N SER D 108 -2.32 -0.90 -16.46
CA SER D 108 -1.96 -0.95 -15.03
C SER D 108 -1.74 -2.41 -14.66
N PHE D 109 -0.50 -2.75 -14.32
CA PHE D 109 -0.16 -4.15 -14.03
C PHE D 109 -1.03 -4.70 -12.90
N ALA D 110 -1.06 -4.00 -11.76
CA ALA D 110 -1.85 -4.49 -10.63
C ALA D 110 -3.34 -4.36 -10.89
N GLY D 111 -3.77 -3.20 -11.38
CA GLY D 111 -5.18 -2.95 -11.61
C GLY D 111 -5.56 -2.88 -13.08
N ARG D 126 -8.99 -19.35 -25.75
CA ARG D 126 -7.87 -18.66 -26.41
C ARG D 126 -7.01 -17.94 -25.39
N LYS D 127 -5.92 -17.32 -25.86
CA LYS D 127 -4.99 -16.63 -24.99
C LYS D 127 -4.35 -15.45 -25.71
N ARG D 128 -4.08 -14.40 -24.95
CA ARG D 128 -3.36 -13.22 -25.38
C ARG D 128 -1.90 -13.30 -24.92
N LYS D 129 -1.03 -12.54 -25.59
CA LYS D 129 0.36 -12.40 -25.15
C LYS D 129 0.59 -10.95 -24.78
N VAL D 130 0.83 -10.70 -23.49
CA VAL D 130 1.11 -9.35 -23.00
C VAL D 130 2.62 -9.16 -23.01
N VAL D 131 3.09 -8.16 -23.75
CA VAL D 131 4.51 -7.86 -23.84
C VAL D 131 4.88 -6.55 -23.17
N LEU D 132 3.91 -5.77 -22.69
CA LEU D 132 4.18 -4.46 -22.13
C LEU D 132 3.10 -4.13 -21.12
N ALA D 133 3.50 -3.66 -19.94
CA ALA D 133 2.58 -3.18 -18.93
C ALA D 133 3.12 -1.85 -18.41
N VAL D 134 2.32 -0.80 -18.53
CA VAL D 134 2.72 0.54 -18.09
C VAL D 134 1.66 1.04 -17.12
N PRO D 135 2.01 1.97 -16.23
CA PRO D 135 1.03 2.47 -15.25
C PRO D 135 0.34 3.77 -15.63
N GLN D 136 0.56 4.30 -16.84
CA GLN D 136 0.02 5.59 -17.24
C GLN D 136 -0.62 5.50 -18.61
N PHE D 137 -1.77 6.19 -18.76
CA PHE D 137 -2.37 6.35 -20.09
C PHE D 137 -1.65 7.42 -20.90
N ASN D 138 -1.09 8.42 -20.24
CA ASN D 138 -0.39 9.50 -20.92
C ASN D 138 0.81 8.94 -21.67
N GLY D 139 0.86 9.19 -22.98
CA GLY D 139 1.94 8.72 -23.81
C GLY D 139 1.79 7.31 -24.34
N LEU D 140 0.62 6.68 -24.12
CA LEU D 140 0.44 5.30 -24.58
C LEU D 140 0.53 5.21 -26.10
N GLY D 141 0.03 6.23 -26.81
CA GLY D 141 0.10 6.23 -28.26
C GLY D 141 1.53 6.21 -28.75
N THR D 142 2.44 6.90 -28.06
CA THR D 142 3.85 6.89 -28.44
C THR D 142 4.46 5.50 -28.25
N LEU D 143 3.98 4.76 -27.25
CA LEU D 143 4.54 3.44 -26.96
C LEU D 143 4.08 2.39 -27.96
N LEU D 144 2.87 2.53 -28.51
CA LEU D 144 2.37 1.59 -29.52
C LEU D 144 2.80 1.97 -30.93
N ALA D 145 3.18 3.23 -31.16
CA ALA D 145 3.49 3.70 -32.51
C ALA D 145 4.56 2.84 -33.15
N GLY D 146 4.34 2.48 -34.41
CA GLY D 146 5.31 1.68 -35.14
C GLY D 146 5.36 0.21 -34.75
N THR D 147 4.41 -0.26 -33.95
CA THR D 147 4.33 -1.66 -33.57
C THR D 147 2.94 -2.21 -33.91
N ASP D 148 2.80 -3.52 -33.82
CA ASP D 148 1.50 -4.17 -33.88
C ASP D 148 0.92 -4.45 -32.50
N ILE D 149 1.41 -3.75 -31.47
CA ILE D 149 0.87 -3.93 -30.13
C ILE D 149 -0.50 -3.28 -30.05
N ILE D 150 -1.43 -3.95 -29.39
CA ILE D 150 -2.78 -3.45 -29.23
C ILE D 150 -3.12 -3.36 -27.75
N ALA D 151 -4.05 -2.47 -27.43
CA ALA D 151 -4.49 -2.26 -26.06
C ALA D 151 -6.01 -2.33 -26.00
N THR D 152 -6.53 -2.72 -24.84
CA THR D 152 -7.96 -2.86 -24.60
C THR D 152 -8.32 -1.99 -23.41
N VAL D 153 -9.12 -0.95 -23.63
CA VAL D 153 -9.41 0.06 -22.62
C VAL D 153 -10.89 0.38 -22.63
N PRO D 154 -11.40 0.97 -21.54
CA PRO D 154 -12.80 1.41 -21.54
C PRO D 154 -13.03 2.52 -22.56
N ASP D 155 -14.28 2.60 -23.04
CA ASP D 155 -14.60 3.47 -24.17
C ASP D 155 -14.26 4.93 -23.87
N TYR D 156 -14.51 5.39 -22.65
CA TYR D 156 -14.20 6.79 -22.34
C TYR D 156 -12.70 7.04 -22.33
N ALA D 157 -11.89 6.03 -21.98
CA ALA D 157 -10.45 6.18 -22.07
C ALA D 157 -9.97 6.14 -23.52
N ALA D 158 -10.66 5.38 -24.38
CA ALA D 158 -10.28 5.32 -25.78
C ALA D 158 -10.55 6.63 -26.50
N GLN D 159 -11.61 7.35 -26.13
CA GLN D 159 -11.90 8.62 -26.77
C GLN D 159 -10.80 9.63 -26.51
N ALA D 160 -10.31 9.70 -25.25
CA ALA D 160 -9.21 10.60 -24.94
C ALA D 160 -7.93 10.19 -25.65
N LEU D 161 -7.78 8.90 -25.96
CA LEU D 161 -6.59 8.44 -26.69
C LEU D 161 -6.74 8.62 -28.19
N ILE D 162 -7.97 8.56 -28.71
CA ILE D 162 -8.21 8.93 -30.10
C ILE D 162 -8.02 10.43 -30.29
N ALA D 163 -8.40 11.22 -29.28
CA ALA D 163 -8.12 12.64 -29.25
C ALA D 163 -6.61 12.88 -29.11
N LEU D 167 -3.69 6.54 -33.37
CA LEU D 167 -4.35 5.32 -32.92
C LEU D 167 -5.72 5.15 -33.58
N ARG D 168 -6.09 3.90 -33.85
CA ARG D 168 -7.43 3.54 -34.29
C ARG D 168 -8.14 2.79 -33.17
N ALA D 169 -9.44 3.05 -33.01
CA ALA D 169 -10.26 2.38 -32.01
C ALA D 169 -11.34 1.55 -32.69
N GLU D 170 -11.65 0.40 -32.12
CA GLU D 170 -12.72 -0.43 -32.66
C GLU D 170 -13.27 -1.31 -31.55
N ASP D 171 -14.45 -1.86 -31.80
CA ASP D 171 -15.03 -2.83 -30.89
C ASP D 171 -14.21 -4.12 -30.91
N PRO D 172 -14.16 -4.85 -29.80
CA PRO D 172 -13.42 -6.10 -29.79
C PRO D 172 -14.03 -7.11 -30.75
N PRO D 173 -13.22 -8.03 -31.27
CA PRO D 173 -13.76 -9.02 -32.23
C PRO D 173 -14.46 -10.17 -31.54
N PHE D 174 -15.03 -9.91 -30.37
CA PHE D 174 -15.79 -10.91 -29.63
C PHE D 174 -16.68 -10.18 -28.63
N GLU D 175 -17.74 -10.86 -28.22
CA GLU D 175 -18.71 -10.28 -27.30
C GLU D 175 -18.08 -10.06 -25.92
N THR D 176 -18.47 -8.97 -25.26
CA THR D 176 -17.94 -8.59 -23.96
C THR D 176 -19.06 -8.04 -23.08
N ARG D 177 -18.91 -8.27 -21.78
CA ARG D 177 -19.79 -7.64 -20.80
C ARG D 177 -19.43 -6.18 -20.70
N ALA D 178 -20.44 -5.32 -20.67
CA ALA D 178 -20.21 -3.92 -20.38
C ALA D 178 -20.03 -3.76 -18.88
N PHE D 179 -18.91 -3.20 -18.46
CA PHE D 179 -18.58 -3.16 -17.05
C PHE D 179 -19.21 -1.96 -16.37
N GLU D 180 -19.55 -2.16 -15.10
CA GLU D 180 -20.24 -1.14 -14.31
C GLU D 180 -19.22 -0.31 -13.55
N LEU D 181 -19.22 1.00 -13.81
CA LEU D 181 -18.44 1.94 -13.02
C LEU D 181 -19.24 2.29 -11.77
N SER D 182 -18.68 1.98 -10.60
CA SER D 182 -19.37 2.20 -9.34
C SER D 182 -18.75 3.38 -8.59
N MSE D 183 -19.58 4.05 -7.81
CA MSE D 183 -19.14 5.07 -6.89
C MSE D 183 -19.36 4.52 -5.48
O MSE D 183 -20.44 4.00 -5.19
CB MSE D 183 -19.91 6.37 -7.11
CG MSE D 183 -19.71 7.42 -6.05
SE MSE D 183 -20.86 8.96 -6.35
CE MSE D 183 -22.55 8.18 -5.75
N ALA D 184 -18.34 4.59 -4.63
CA ALA D 184 -18.39 3.92 -3.34
C ALA D 184 -18.00 4.89 -2.22
N TRP D 185 -18.67 4.75 -1.08
CA TRP D 185 -18.42 5.59 0.08
C TRP D 185 -18.72 4.81 1.35
N ARG D 186 -18.36 5.40 2.49
CA ARG D 186 -18.63 4.79 3.78
C ARG D 186 -20.03 5.16 4.26
N GLY D 187 -20.75 4.17 4.79
CA GLY D 187 -22.06 4.42 5.35
C GLY D 187 -22.07 5.48 6.44
N ALA D 188 -20.92 5.71 7.08
CA ALA D 188 -20.82 6.76 8.09
C ALA D 188 -21.07 8.14 7.52
N GLN D 189 -20.93 8.31 6.20
CA GLN D 189 -21.14 9.59 5.54
C GLN D 189 -22.46 9.65 4.79
N ASP D 190 -23.40 8.77 5.12
CA ASP D 190 -24.72 8.85 4.50
C ASP D 190 -25.42 10.17 4.83
N ASN D 191 -25.19 10.69 6.03
CA ASN D 191 -25.86 11.91 6.51
C ASN D 191 -24.95 13.13 6.49
N ASP D 192 -23.78 13.04 5.89
CA ASP D 192 -22.87 14.17 5.80
C ASP D 192 -23.31 15.07 4.65
N PRO D 193 -23.66 16.34 4.90
CA PRO D 193 -24.21 17.18 3.83
C PRO D 193 -23.21 17.48 2.72
N ALA D 194 -21.99 17.88 3.08
CA ALA D 194 -20.98 18.17 2.07
C ALA D 194 -20.63 16.94 1.26
N GLU D 195 -20.70 15.75 1.86
CA GLU D 195 -20.43 14.52 1.12
C GLU D 195 -21.61 14.12 0.24
N ARG D 196 -22.84 14.37 0.70
CA ARG D 196 -23.99 14.18 -0.18
C ARG D 196 -23.88 15.06 -1.42
N TRP D 197 -23.41 16.30 -1.24
CA TRP D 197 -23.22 17.19 -2.37
C TRP D 197 -22.15 16.66 -3.32
N LEU D 198 -21.01 16.24 -2.76
CA LEU D 198 -19.92 15.72 -3.59
C LEU D 198 -20.37 14.51 -4.38
N ARG D 199 -21.03 13.56 -3.71
CA ARG D 199 -21.44 12.32 -4.38
C ARG D 199 -22.44 12.60 -5.49
N SER D 200 -23.33 13.58 -5.29
CA SER D 200 -24.29 13.92 -6.34
C SER D 200 -23.59 14.51 -7.56
N ARG D 201 -22.54 15.31 -7.33
CA ARG D 201 -21.81 15.90 -8.45
C ARG D 201 -20.97 14.86 -9.18
N ILE D 202 -20.39 13.90 -8.45
CA ILE D 202 -19.74 12.77 -9.09
C ILE D 202 -20.73 12.05 -9.99
N SER D 203 -21.91 11.72 -9.45
CA SER D 203 -22.91 10.96 -10.19
C SER D 203 -23.30 11.66 -11.48
N MSE D 204 -23.55 12.97 -11.41
CA MSE D 204 -24.11 13.71 -12.54
C MSE D 204 -23.15 13.83 -13.71
O MSE D 204 -23.52 13.59 -14.86
CB MSE D 204 -24.51 15.11 -12.09
CG MSE D 204 -25.76 15.16 -11.22
SE MSE D 204 -26.01 16.91 -10.42
CE MSE D 204 -25.76 18.00 -12.02
N PHE D 205 -21.90 14.19 -13.42
CA PHE D 205 -20.91 14.43 -14.47
C PHE D 205 -20.10 13.19 -14.80
N ILE D 206 -20.60 12.01 -14.41
CA ILE D 206 -20.12 10.72 -14.87
C ILE D 206 -21.33 9.84 -15.14
N GLY D 207 -22.10 10.21 -16.17
CA GLY D 207 -23.35 9.52 -16.46
C GLY D 207 -23.31 8.62 -17.69
S SO4 E . -3.42 -2.37 9.37
O1 SO4 E . -3.98 -2.03 8.06
O2 SO4 E . -2.27 -3.24 9.21
O3 SO4 E . -3.02 -1.14 10.05
O4 SO4 E . -4.43 -3.05 10.17
S SO4 F . -1.26 -28.75 16.65
O1 SO4 F . -0.12 -28.75 15.74
O2 SO4 F . -0.96 -29.53 17.84
O3 SO4 F . -1.58 -27.38 17.03
O4 SO4 F . -2.42 -29.33 15.97
S SO4 G . 17.67 -7.52 9.51
O1 SO4 G . 17.27 -6.70 8.37
O2 SO4 G . 18.55 -8.59 9.05
O3 SO4 G . 18.35 -6.70 10.50
O4 SO4 G . 16.47 -8.11 10.12
S SO4 H . -1.08 9.22 -5.04
O1 SO4 H . -0.45 9.97 -6.12
O2 SO4 H . -0.85 7.80 -5.25
O3 SO4 H . -0.50 9.62 -3.76
O4 SO4 H . -2.51 9.48 -5.01
S SO4 I . 0.87 -0.21 -10.86
O1 SO4 I . 2.28 -0.27 -11.26
O2 SO4 I . 0.43 -1.55 -10.51
O3 SO4 I . 0.75 0.68 -9.70
O4 SO4 I . 0.06 0.30 -11.97
#